data_1X2V
# 
_entry.id   1X2V 
# 
_audit_conform.dict_name       mmcif_pdbx.dic 
_audit_conform.dict_version    5.392 
_audit_conform.dict_location   http://mmcif.pdb.org/dictionaries/ascii/mmcif_pdbx.dic 
# 
loop_
_database_2.database_id 
_database_2.database_code 
_database_2.pdbx_database_accession 
_database_2.pdbx_DOI 
PDB   1X2V         pdb_00001x2v 10.2210/pdb1x2v/pdb 
RCSB  RCSB024309   ?            ?                   
WWPDB D_1000024309 ?            ?                   
# 
loop_
_pdbx_audit_revision_history.ordinal 
_pdbx_audit_revision_history.data_content_type 
_pdbx_audit_revision_history.major_revision 
_pdbx_audit_revision_history.minor_revision 
_pdbx_audit_revision_history.revision_date 
1 'Structure model' 1 0 2006-08-01 
2 'Structure model' 1 1 2008-04-30 
3 'Structure model' 1 2 2011-07-13 
4 'Structure model' 1 3 2022-03-02 
5 'Structure model' 1 4 2024-05-29 
# 
_pdbx_audit_revision_details.ordinal             1 
_pdbx_audit_revision_details.revision_ordinal    1 
_pdbx_audit_revision_details.data_content_type   'Structure model' 
_pdbx_audit_revision_details.provider            repository 
_pdbx_audit_revision_details.type                'Initial release' 
_pdbx_audit_revision_details.description         ? 
_pdbx_audit_revision_details.details             ? 
# 
loop_
_pdbx_audit_revision_group.ordinal 
_pdbx_audit_revision_group.revision_ordinal 
_pdbx_audit_revision_group.data_content_type 
_pdbx_audit_revision_group.group 
1 2 'Structure model' 'Version format compliance' 
2 3 'Structure model' 'Version format compliance' 
3 4 'Structure model' 'Data collection'           
4 4 'Structure model' 'Database references'       
5 4 'Structure model' 'Derived calculations'      
6 5 'Structure model' 'Data collection'           
# 
loop_
_pdbx_audit_revision_category.ordinal 
_pdbx_audit_revision_category.revision_ordinal 
_pdbx_audit_revision_category.data_content_type 
_pdbx_audit_revision_category.category 
1 4 'Structure model' database_2            
2 4 'Structure model' pdbx_nmr_software     
3 4 'Structure model' pdbx_nmr_spectrometer 
4 4 'Structure model' pdbx_struct_assembly  
5 4 'Structure model' pdbx_struct_oper_list 
6 5 'Structure model' chem_comp_atom        
7 5 'Structure model' chem_comp_bond        
# 
loop_
_pdbx_audit_revision_item.ordinal 
_pdbx_audit_revision_item.revision_ordinal 
_pdbx_audit_revision_item.data_content_type 
_pdbx_audit_revision_item.item 
1 4 'Structure model' '_database_2.pdbx_DOI'                
2 4 'Structure model' '_database_2.pdbx_database_accession' 
3 4 'Structure model' '_pdbx_nmr_software.name'             
4 4 'Structure model' '_pdbx_nmr_spectrometer.model'        
# 
_pdbx_database_status.status_code                     REL 
_pdbx_database_status.entry_id                        1X2V 
_pdbx_database_status.recvd_initial_deposition_date   2005-04-26 
_pdbx_database_status.deposit_site                    PDBJ 
_pdbx_database_status.process_site                    PDBJ 
_pdbx_database_status.status_code_sf                  ? 
_pdbx_database_status.status_code_mr                  REL 
_pdbx_database_status.SG_entry                        ? 
_pdbx_database_status.pdb_format_compatible           Y 
_pdbx_database_status.status_code_cs                  ? 
_pdbx_database_status.status_code_nmr_data            ? 
_pdbx_database_status.methods_development_category    ? 
# 
loop_
_pdbx_database_related.db_name 
_pdbx_database_related.db_id 
_pdbx_database_related.details 
_pdbx_database_related.content_type 
PDB 1X2O 'RDCs were measured in bicelles SDS solution'                         unspecified 
PDB 1X2S 'RDCs were measured in PF1 solution'                                  unspecified 
PDB 1X2U 'RDCs were measured in PEG solution'                                  unspecified 
PDB 1X2X 'RDCs were measured in bicelles SDS solution, a tandem GT mismatches' unspecified 
PDB 1X2Y 'RDCs were measured in PF1 solution, a tandem GT mismatches'          unspecified 
PDB 1X2Z 'RDCs were measured in PEG solution, a tandem GT mismatches'          unspecified 
PDB 1X30 'This structure contains a tandem GT mismatches'                      unspecified 
# 
loop_
_audit_author.name 
_audit_author.pdbx_ordinal 
'Alvarez-Salgado, F.' 1 
'Desvaux, H.'         2 
'Boulard, Y.'         3 
# 
_citation.id                        primary 
_citation.title                     
'NMR assessment of the global shape of a non-labelled DNA dodecamer containing a tandem of G--T mismatches' 
_citation.journal_abbrev            Magn.Reson.Chem. 
_citation.journal_volume            44 
_citation.page_first                1081 
_citation.page_last                 1089 
_citation.year                      2006 
_citation.journal_id_ASTM           MRCHEG 
_citation.country                   UK 
_citation.journal_id_ISSN           0749-1581 
_citation.journal_id_CSD            0731 
_citation.book_publisher            ? 
_citation.pdbx_database_id_PubMed   16972306 
_citation.pdbx_database_id_DOI      10.1002/mrc.1902 
# 
loop_
_citation_author.citation_id 
_citation_author.name 
_citation_author.ordinal 
_citation_author.identifier_ORCID 
primary 'Alvarez-Salgado, F.' 1 ? 
primary 'Desvaux, H.'         2 ? 
primary 'Boulard, Y.'         3 ? 
# 
_entity.id                         1 
_entity.type                       polymer 
_entity.src_method                 syn 
_entity.pdbx_description           "5'-D(*GP*AP*CP*TP*GP*TP*AP*CP*AP*GP*TP*C)-3'" 
_entity.formula_weight             3662.404 
_entity.pdbx_number_of_molecules   2 
_entity.pdbx_ec                    ? 
_entity.pdbx_mutation              ? 
_entity.pdbx_fragment              ? 
_entity.details                    ? 
# 
_entity_poly.entity_id                      1 
_entity_poly.type                           polydeoxyribonucleotide 
_entity_poly.nstd_linkage                   no 
_entity_poly.nstd_monomer                   no 
_entity_poly.pdbx_seq_one_letter_code       '(DG)(DA)(DC)(DT)(DG)(DT)(DA)(DC)(DA)(DG)(DT)(DC)' 
_entity_poly.pdbx_seq_one_letter_code_can   GACTGTACAGTC 
_entity_poly.pdbx_strand_id                 A,B 
_entity_poly.pdbx_target_identifier         ? 
# 
loop_
_entity_poly_seq.entity_id 
_entity_poly_seq.num 
_entity_poly_seq.mon_id 
_entity_poly_seq.hetero 
1 1  DG n 
1 2  DA n 
1 3  DC n 
1 4  DT n 
1 5  DG n 
1 6  DT n 
1 7  DA n 
1 8  DC n 
1 9  DA n 
1 10 DG n 
1 11 DT n 
1 12 DC n 
# 
loop_
_chem_comp.id 
_chem_comp.type 
_chem_comp.mon_nstd_flag 
_chem_comp.name 
_chem_comp.pdbx_synonyms 
_chem_comp.formula 
_chem_comp.formula_weight 
DA 'DNA linking' y "2'-DEOXYADENOSINE-5'-MONOPHOSPHATE" ? 'C10 H14 N5 O6 P' 331.222 
DC 'DNA linking' y "2'-DEOXYCYTIDINE-5'-MONOPHOSPHATE"  ? 'C9 H14 N3 O7 P'  307.197 
DG 'DNA linking' y "2'-DEOXYGUANOSINE-5'-MONOPHOSPHATE" ? 'C10 H14 N5 O7 P' 347.221 
DT 'DNA linking' y "THYMIDINE-5'-MONOPHOSPHATE"         ? 'C10 H15 N2 O8 P' 322.208 
# 
loop_
_pdbx_poly_seq_scheme.asym_id 
_pdbx_poly_seq_scheme.entity_id 
_pdbx_poly_seq_scheme.seq_id 
_pdbx_poly_seq_scheme.mon_id 
_pdbx_poly_seq_scheme.ndb_seq_num 
_pdbx_poly_seq_scheme.pdb_seq_num 
_pdbx_poly_seq_scheme.auth_seq_num 
_pdbx_poly_seq_scheme.pdb_mon_id 
_pdbx_poly_seq_scheme.auth_mon_id 
_pdbx_poly_seq_scheme.pdb_strand_id 
_pdbx_poly_seq_scheme.pdb_ins_code 
_pdbx_poly_seq_scheme.hetero 
A 1 1  DG 1  1  1  DG G A . n 
A 1 2  DA 2  2  2  DA A A . n 
A 1 3  DC 3  3  3  DC C A . n 
A 1 4  DT 4  4  4  DT T A . n 
A 1 5  DG 5  5  5  DG G A . n 
A 1 6  DT 6  6  6  DT T A . n 
A 1 7  DA 7  7  7  DA A A . n 
A 1 8  DC 8  8  8  DC C A . n 
A 1 9  DA 9  9  9  DA A A . n 
A 1 10 DG 10 10 10 DG G A . n 
A 1 11 DT 11 11 11 DT T A . n 
A 1 12 DC 12 12 12 DC C A . n 
B 1 1  DG 1  13 13 DG G B . n 
B 1 2  DA 2  14 14 DA A B . n 
B 1 3  DC 3  15 15 DC C B . n 
B 1 4  DT 4  16 16 DT T B . n 
B 1 5  DG 5  17 17 DG G B . n 
B 1 6  DT 6  18 18 DT T B . n 
B 1 7  DA 7  19 19 DA A B . n 
B 1 8  DC 8  20 20 DC C B . n 
B 1 9  DA 9  21 21 DA A B . n 
B 1 10 DG 10 22 22 DG G B . n 
B 1 11 DT 11 23 23 DT T B . n 
B 1 12 DC 12 24 24 DC C B . n 
# 
_cell.entry_id           1X2V 
_cell.length_a           1.000 
_cell.length_b           1.000 
_cell.length_c           1.000 
_cell.angle_alpha        90.00 
_cell.angle_beta         90.00 
_cell.angle_gamma        90.00 
_cell.Z_PDB              1 
_cell.pdbx_unique_axis   ? 
# 
_symmetry.entry_id                         1X2V 
_symmetry.space_group_name_H-M             'P 1' 
_symmetry.pdbx_full_space_group_name_H-M   ? 
_symmetry.cell_setting                     ? 
_symmetry.Int_Tables_number                1 
# 
_exptl.entry_id          1X2V 
_exptl.method            'SOLUTION NMR' 
_exptl.crystals_number   ? 
# 
_struct.entry_id                  1X2V 
_struct.title                     
'NMR solution structures of a DNA dodecamer containing a tandem GT mismatches using NOE and residual dipolar couplings' 
_struct.pdbx_model_details        ? 
_struct.pdbx_CASP_flag            ? 
_struct.pdbx_model_type_details   ? 
# 
_struct_keywords.entry_id        1X2V 
_struct_keywords.pdbx_keywords   DNA 
_struct_keywords.text            'RDC, deoxyribonucleic acid, liquid crystal, DNA' 
# 
loop_
_struct_asym.id 
_struct_asym.pdbx_blank_PDB_chainid_flag 
_struct_asym.pdbx_modified 
_struct_asym.entity_id 
_struct_asym.details 
A N N 1 ? 
B N N 1 ? 
# 
_struct_ref.id                         1 
_struct_ref.entity_id                  1 
_struct_ref.db_name                    PDB 
_struct_ref.db_code                    1X2V 
_struct_ref.pdbx_db_accession          1X2V 
_struct_ref.pdbx_db_isoform            ? 
_struct_ref.pdbx_seq_one_letter_code   ? 
_struct_ref.pdbx_align_begin           ? 
# 
loop_
_struct_ref_seq.align_id 
_struct_ref_seq.ref_id 
_struct_ref_seq.pdbx_PDB_id_code 
_struct_ref_seq.pdbx_strand_id 
_struct_ref_seq.seq_align_beg 
_struct_ref_seq.pdbx_seq_align_beg_ins_code 
_struct_ref_seq.seq_align_end 
_struct_ref_seq.pdbx_seq_align_end_ins_code 
_struct_ref_seq.pdbx_db_accession 
_struct_ref_seq.db_align_beg 
_struct_ref_seq.pdbx_db_align_beg_ins_code 
_struct_ref_seq.db_align_end 
_struct_ref_seq.pdbx_db_align_end_ins_code 
_struct_ref_seq.pdbx_auth_seq_align_beg 
_struct_ref_seq.pdbx_auth_seq_align_end 
1 1 1X2V A 1 ? 12 ? 1X2V 1  ? 12 ? 1  12 
2 1 1X2V B 1 ? 12 ? 1X2V 13 ? 24 ? 13 24 
# 
_pdbx_struct_assembly.id                   1 
_pdbx_struct_assembly.details              author_defined_assembly 
_pdbx_struct_assembly.method_details       ? 
_pdbx_struct_assembly.oligomeric_details   dimeric 
_pdbx_struct_assembly.oligomeric_count     2 
# 
_pdbx_struct_assembly_gen.assembly_id       1 
_pdbx_struct_assembly_gen.oper_expression   1 
_pdbx_struct_assembly_gen.asym_id_list      A,B 
# 
_pdbx_struct_oper_list.id                   1 
_pdbx_struct_oper_list.type                 'identity operation' 
_pdbx_struct_oper_list.name                 1_555 
_pdbx_struct_oper_list.symmetry_operation   x,y,z 
_pdbx_struct_oper_list.matrix[1][1]         1.0000000000 
_pdbx_struct_oper_list.matrix[1][2]         0.0000000000 
_pdbx_struct_oper_list.matrix[1][3]         0.0000000000 
_pdbx_struct_oper_list.vector[1]            0.0000000000 
_pdbx_struct_oper_list.matrix[2][1]         0.0000000000 
_pdbx_struct_oper_list.matrix[2][2]         1.0000000000 
_pdbx_struct_oper_list.matrix[2][3]         0.0000000000 
_pdbx_struct_oper_list.vector[2]            0.0000000000 
_pdbx_struct_oper_list.matrix[3][1]         0.0000000000 
_pdbx_struct_oper_list.matrix[3][2]         0.0000000000 
_pdbx_struct_oper_list.matrix[3][3]         1.0000000000 
_pdbx_struct_oper_list.vector[3]            0.0000000000 
# 
_struct_biol.id   1 
# 
loop_
_struct_conn.id 
_struct_conn.conn_type_id 
_struct_conn.pdbx_leaving_atom_flag 
_struct_conn.pdbx_PDB_id 
_struct_conn.ptnr1_label_asym_id 
_struct_conn.ptnr1_label_comp_id 
_struct_conn.ptnr1_label_seq_id 
_struct_conn.ptnr1_label_atom_id 
_struct_conn.pdbx_ptnr1_label_alt_id 
_struct_conn.pdbx_ptnr1_PDB_ins_code 
_struct_conn.pdbx_ptnr1_standard_comp_id 
_struct_conn.ptnr1_symmetry 
_struct_conn.ptnr2_label_asym_id 
_struct_conn.ptnr2_label_comp_id 
_struct_conn.ptnr2_label_seq_id 
_struct_conn.ptnr2_label_atom_id 
_struct_conn.pdbx_ptnr2_label_alt_id 
_struct_conn.pdbx_ptnr2_PDB_ins_code 
_struct_conn.ptnr1_auth_asym_id 
_struct_conn.ptnr1_auth_comp_id 
_struct_conn.ptnr1_auth_seq_id 
_struct_conn.ptnr2_auth_asym_id 
_struct_conn.ptnr2_auth_comp_id 
_struct_conn.ptnr2_auth_seq_id 
_struct_conn.ptnr2_symmetry 
_struct_conn.pdbx_ptnr3_label_atom_id 
_struct_conn.pdbx_ptnr3_label_seq_id 
_struct_conn.pdbx_ptnr3_label_comp_id 
_struct_conn.pdbx_ptnr3_label_asym_id 
_struct_conn.pdbx_ptnr3_label_alt_id 
_struct_conn.pdbx_ptnr3_PDB_ins_code 
_struct_conn.details 
_struct_conn.pdbx_dist_value 
_struct_conn.pdbx_value_order 
_struct_conn.pdbx_role 
hydrog1  hydrog ? ? A DG 1  N1 ? ? ? 1_555 B DC 12 N3 ? ? A DG 1  B DC 24 1_555 ? ? ? ? ? ? WATSON-CRICK ? ? ? 
hydrog2  hydrog ? ? A DG 1  N2 ? ? ? 1_555 B DC 12 O2 ? ? A DG 1  B DC 24 1_555 ? ? ? ? ? ? WATSON-CRICK ? ? ? 
hydrog3  hydrog ? ? A DG 1  O6 ? ? ? 1_555 B DC 12 N4 ? ? A DG 1  B DC 24 1_555 ? ? ? ? ? ? WATSON-CRICK ? ? ? 
hydrog4  hydrog ? ? A DA 2  N1 ? ? ? 1_555 B DT 11 N3 ? ? A DA 2  B DT 23 1_555 ? ? ? ? ? ? WATSON-CRICK ? ? ? 
hydrog5  hydrog ? ? A DA 2  N6 ? ? ? 1_555 B DT 11 O4 ? ? A DA 2  B DT 23 1_555 ? ? ? ? ? ? WATSON-CRICK ? ? ? 
hydrog6  hydrog ? ? A DC 3  N3 ? ? ? 1_555 B DG 10 N1 ? ? A DC 3  B DG 22 1_555 ? ? ? ? ? ? WATSON-CRICK ? ? ? 
hydrog7  hydrog ? ? A DC 3  N4 ? ? ? 1_555 B DG 10 O6 ? ? A DC 3  B DG 22 1_555 ? ? ? ? ? ? WATSON-CRICK ? ? ? 
hydrog8  hydrog ? ? A DC 3  O2 ? ? ? 1_555 B DG 10 N2 ? ? A DC 3  B DG 22 1_555 ? ? ? ? ? ? WATSON-CRICK ? ? ? 
hydrog9  hydrog ? ? A DT 4  N3 ? ? ? 1_555 B DA 9  N1 ? ? A DT 4  B DA 21 1_555 ? ? ? ? ? ? WATSON-CRICK ? ? ? 
hydrog10 hydrog ? ? A DT 4  O4 ? ? ? 1_555 B DA 9  N6 ? ? A DT 4  B DA 21 1_555 ? ? ? ? ? ? WATSON-CRICK ? ? ? 
hydrog11 hydrog ? ? A DG 5  N1 ? ? ? 1_555 B DC 8  N3 ? ? A DG 5  B DC 20 1_555 ? ? ? ? ? ? WATSON-CRICK ? ? ? 
hydrog12 hydrog ? ? A DG 5  N2 ? ? ? 1_555 B DC 8  O2 ? ? A DG 5  B DC 20 1_555 ? ? ? ? ? ? WATSON-CRICK ? ? ? 
hydrog13 hydrog ? ? A DG 5  O6 ? ? ? 1_555 B DC 8  N4 ? ? A DG 5  B DC 20 1_555 ? ? ? ? ? ? WATSON-CRICK ? ? ? 
hydrog14 hydrog ? ? A DT 6  N3 ? ? ? 1_555 B DA 7  N1 ? ? A DT 6  B DA 19 1_555 ? ? ? ? ? ? WATSON-CRICK ? ? ? 
hydrog15 hydrog ? ? A DT 6  O4 ? ? ? 1_555 B DA 7  N6 ? ? A DT 6  B DA 19 1_555 ? ? ? ? ? ? WATSON-CRICK ? ? ? 
hydrog16 hydrog ? ? A DA 7  N1 ? ? ? 1_555 B DT 6  N3 ? ? A DA 7  B DT 18 1_555 ? ? ? ? ? ? WATSON-CRICK ? ? ? 
hydrog17 hydrog ? ? A DA 7  N6 ? ? ? 1_555 B DT 6  O4 ? ? A DA 7  B DT 18 1_555 ? ? ? ? ? ? WATSON-CRICK ? ? ? 
hydrog18 hydrog ? ? A DC 8  N3 ? ? ? 1_555 B DG 5  N1 ? ? A DC 8  B DG 17 1_555 ? ? ? ? ? ? WATSON-CRICK ? ? ? 
hydrog19 hydrog ? ? A DC 8  N4 ? ? ? 1_555 B DG 5  O6 ? ? A DC 8  B DG 17 1_555 ? ? ? ? ? ? WATSON-CRICK ? ? ? 
hydrog20 hydrog ? ? A DC 8  O2 ? ? ? 1_555 B DG 5  N2 ? ? A DC 8  B DG 17 1_555 ? ? ? ? ? ? WATSON-CRICK ? ? ? 
hydrog21 hydrog ? ? A DA 9  N1 ? ? ? 1_555 B DT 4  N3 ? ? A DA 9  B DT 16 1_555 ? ? ? ? ? ? WATSON-CRICK ? ? ? 
hydrog22 hydrog ? ? A DA 9  N6 ? ? ? 1_555 B DT 4  O4 ? ? A DA 9  B DT 16 1_555 ? ? ? ? ? ? WATSON-CRICK ? ? ? 
hydrog23 hydrog ? ? A DG 10 N1 ? ? ? 1_555 B DC 3  N3 ? ? A DG 10 B DC 15 1_555 ? ? ? ? ? ? WATSON-CRICK ? ? ? 
hydrog24 hydrog ? ? A DG 10 N2 ? ? ? 1_555 B DC 3  O2 ? ? A DG 10 B DC 15 1_555 ? ? ? ? ? ? WATSON-CRICK ? ? ? 
hydrog25 hydrog ? ? A DG 10 O6 ? ? ? 1_555 B DC 3  N4 ? ? A DG 10 B DC 15 1_555 ? ? ? ? ? ? WATSON-CRICK ? ? ? 
hydrog26 hydrog ? ? A DT 11 N3 ? ? ? 1_555 B DA 2  N1 ? ? A DT 11 B DA 14 1_555 ? ? ? ? ? ? WATSON-CRICK ? ? ? 
hydrog27 hydrog ? ? A DT 11 O4 ? ? ? 1_555 B DA 2  N6 ? ? A DT 11 B DA 14 1_555 ? ? ? ? ? ? WATSON-CRICK ? ? ? 
hydrog28 hydrog ? ? A DC 12 N3 ? ? ? 1_555 B DG 1  N1 ? ? A DC 12 B DG 13 1_555 ? ? ? ? ? ? WATSON-CRICK ? ? ? 
hydrog29 hydrog ? ? A DC 12 N4 ? ? ? 1_555 B DG 1  O6 ? ? A DC 12 B DG 13 1_555 ? ? ? ? ? ? WATSON-CRICK ? ? ? 
hydrog30 hydrog ? ? A DC 12 O2 ? ? ? 1_555 B DG 1  N2 ? ? A DC 12 B DG 13 1_555 ? ? ? ? ? ? WATSON-CRICK ? ? ? 
# 
_struct_conn_type.id          hydrog 
_struct_conn_type.criteria    ? 
_struct_conn_type.reference   ? 
# 
_pdbx_nmr_ensemble.entry_id                                      1X2V 
_pdbx_nmr_ensemble.conformers_calculated_total_number            ? 
_pdbx_nmr_ensemble.conformers_submitted_total_number             1 
_pdbx_nmr_ensemble.conformer_selection_criteria                  ? 
_pdbx_nmr_ensemble.average_constraints_per_residue               ? 
_pdbx_nmr_ensemble.average_constraint_violations_per_residue     ? 
_pdbx_nmr_ensemble.maximum_distance_constraint_violation         ? 
_pdbx_nmr_ensemble.average_distance_constraint_violation         ? 
_pdbx_nmr_ensemble.maximum_upper_distance_constraint_violation   ? 
_pdbx_nmr_ensemble.maximum_lower_distance_constraint_violation   ? 
_pdbx_nmr_ensemble.distance_constraint_violation_method          ? 
_pdbx_nmr_ensemble.maximum_torsion_angle_constraint_violation    ? 
_pdbx_nmr_ensemble.average_torsion_angle_constraint_violation    ? 
_pdbx_nmr_ensemble.torsion_angle_constraint_violation_method     ? 
# 
_pdbx_nmr_sample_details.solution_id      1 
_pdbx_nmr_sample_details.contents         '0.5mM DNA, 10mM PHOSPHATE BUFFER, 50mM NACL, 0.5mM EDTA' 
_pdbx_nmr_sample_details.solvent_system   ? 
# 
_pdbx_nmr_exptl_sample_conditions.conditions_id       1 
_pdbx_nmr_exptl_sample_conditions.temperature         298 
_pdbx_nmr_exptl_sample_conditions.pressure            AMBIENT 
_pdbx_nmr_exptl_sample_conditions.pH                  7.0 
_pdbx_nmr_exptl_sample_conditions.ionic_strength      '10mM PHOSPHATE BUFFER, 50mM NACL, 0.2mM EDTA' 
_pdbx_nmr_exptl_sample_conditions.pressure_units      . 
_pdbx_nmr_exptl_sample_conditions.temperature_units   K 
# 
loop_
_pdbx_nmr_exptl.experiment_id 
_pdbx_nmr_exptl.conditions_id 
_pdbx_nmr_exptl.type 
_pdbx_nmr_exptl.solution_id 
1 1 NOESY         1 
2 1 COSY          1 
3 1 TOCSY         1 
4 1 'HSQC 1H-13C' 1 
# 
_pdbx_nmr_refine.entry_id           1X2V 
_pdbx_nmr_refine.method             'Simulated annealing, energy minimization' 
_pdbx_nmr_refine.details            ? 
_pdbx_nmr_refine.software_ordinal   1 
# 
loop_
_pdbx_nmr_software.classification 
_pdbx_nmr_software.name 
_pdbx_nmr_software.version 
_pdbx_nmr_software.authors 
_pdbx_nmr_software.ordinal 
refinement      CNS     1.1 ?      1 
processing      XwinNMR 2.5 Bruker 2 
'data analysis' Curves  5.3 Lavery 3 
'data analysis' MOLMOL  2.6 Koradi 4 
# 
loop_
_chem_comp_atom.comp_id 
_chem_comp_atom.atom_id 
_chem_comp_atom.type_symbol 
_chem_comp_atom.pdbx_aromatic_flag 
_chem_comp_atom.pdbx_stereo_config 
_chem_comp_atom.pdbx_ordinal 
DA OP3    O N N 1   
DA P      P N N 2   
DA OP1    O N N 3   
DA OP2    O N N 4   
DA "O5'"  O N N 5   
DA "C5'"  C N N 6   
DA "C4'"  C N R 7   
DA "O4'"  O N N 8   
DA "C3'"  C N S 9   
DA "O3'"  O N N 10  
DA "C2'"  C N N 11  
DA "C1'"  C N R 12  
DA N9     N Y N 13  
DA C8     C Y N 14  
DA N7     N Y N 15  
DA C5     C Y N 16  
DA C6     C Y N 17  
DA N6     N N N 18  
DA N1     N Y N 19  
DA C2     C Y N 20  
DA N3     N Y N 21  
DA C4     C Y N 22  
DA HOP3   H N N 23  
DA HOP2   H N N 24  
DA "H5'"  H N N 25  
DA "H5''" H N N 26  
DA "H4'"  H N N 27  
DA "H3'"  H N N 28  
DA "HO3'" H N N 29  
DA "H2'"  H N N 30  
DA "H2''" H N N 31  
DA "H1'"  H N N 32  
DA H8     H N N 33  
DA H61    H N N 34  
DA H62    H N N 35  
DA H2     H N N 36  
DC OP3    O N N 37  
DC P      P N N 38  
DC OP1    O N N 39  
DC OP2    O N N 40  
DC "O5'"  O N N 41  
DC "C5'"  C N N 42  
DC "C4'"  C N R 43  
DC "O4'"  O N N 44  
DC "C3'"  C N S 45  
DC "O3'"  O N N 46  
DC "C2'"  C N N 47  
DC "C1'"  C N R 48  
DC N1     N N N 49  
DC C2     C N N 50  
DC O2     O N N 51  
DC N3     N N N 52  
DC C4     C N N 53  
DC N4     N N N 54  
DC C5     C N N 55  
DC C6     C N N 56  
DC HOP3   H N N 57  
DC HOP2   H N N 58  
DC "H5'"  H N N 59  
DC "H5''" H N N 60  
DC "H4'"  H N N 61  
DC "H3'"  H N N 62  
DC "HO3'" H N N 63  
DC "H2'"  H N N 64  
DC "H2''" H N N 65  
DC "H1'"  H N N 66  
DC H41    H N N 67  
DC H42    H N N 68  
DC H5     H N N 69  
DC H6     H N N 70  
DG OP3    O N N 71  
DG P      P N N 72  
DG OP1    O N N 73  
DG OP2    O N N 74  
DG "O5'"  O N N 75  
DG "C5'"  C N N 76  
DG "C4'"  C N R 77  
DG "O4'"  O N N 78  
DG "C3'"  C N S 79  
DG "O3'"  O N N 80  
DG "C2'"  C N N 81  
DG "C1'"  C N R 82  
DG N9     N Y N 83  
DG C8     C Y N 84  
DG N7     N Y N 85  
DG C5     C Y N 86  
DG C6     C N N 87  
DG O6     O N N 88  
DG N1     N N N 89  
DG C2     C N N 90  
DG N2     N N N 91  
DG N3     N N N 92  
DG C4     C Y N 93  
DG HOP3   H N N 94  
DG HOP2   H N N 95  
DG "H5'"  H N N 96  
DG "H5''" H N N 97  
DG "H4'"  H N N 98  
DG "H3'"  H N N 99  
DG "HO3'" H N N 100 
DG "H2'"  H N N 101 
DG "H2''" H N N 102 
DG "H1'"  H N N 103 
DG H8     H N N 104 
DG H1     H N N 105 
DG H21    H N N 106 
DG H22    H N N 107 
DT OP3    O N N 108 
DT P      P N N 109 
DT OP1    O N N 110 
DT OP2    O N N 111 
DT "O5'"  O N N 112 
DT "C5'"  C N N 113 
DT "C4'"  C N R 114 
DT "O4'"  O N N 115 
DT "C3'"  C N S 116 
DT "O3'"  O N N 117 
DT "C2'"  C N N 118 
DT "C1'"  C N R 119 
DT N1     N N N 120 
DT C2     C N N 121 
DT O2     O N N 122 
DT N3     N N N 123 
DT C4     C N N 124 
DT O4     O N N 125 
DT C5     C N N 126 
DT C7     C N N 127 
DT C6     C N N 128 
DT HOP3   H N N 129 
DT HOP2   H N N 130 
DT "H5'"  H N N 131 
DT "H5''" H N N 132 
DT "H4'"  H N N 133 
DT "H3'"  H N N 134 
DT "HO3'" H N N 135 
DT "H2'"  H N N 136 
DT "H2''" H N N 137 
DT "H1'"  H N N 138 
DT H3     H N N 139 
DT H71    H N N 140 
DT H72    H N N 141 
DT H73    H N N 142 
DT H6     H N N 143 
# 
loop_
_chem_comp_bond.comp_id 
_chem_comp_bond.atom_id_1 
_chem_comp_bond.atom_id_2 
_chem_comp_bond.value_order 
_chem_comp_bond.pdbx_aromatic_flag 
_chem_comp_bond.pdbx_stereo_config 
_chem_comp_bond.pdbx_ordinal 
DA OP3   P      sing N N 1   
DA OP3   HOP3   sing N N 2   
DA P     OP1    doub N N 3   
DA P     OP2    sing N N 4   
DA P     "O5'"  sing N N 5   
DA OP2   HOP2   sing N N 6   
DA "O5'" "C5'"  sing N N 7   
DA "C5'" "C4'"  sing N N 8   
DA "C5'" "H5'"  sing N N 9   
DA "C5'" "H5''" sing N N 10  
DA "C4'" "O4'"  sing N N 11  
DA "C4'" "C3'"  sing N N 12  
DA "C4'" "H4'"  sing N N 13  
DA "O4'" "C1'"  sing N N 14  
DA "C3'" "O3'"  sing N N 15  
DA "C3'" "C2'"  sing N N 16  
DA "C3'" "H3'"  sing N N 17  
DA "O3'" "HO3'" sing N N 18  
DA "C2'" "C1'"  sing N N 19  
DA "C2'" "H2'"  sing N N 20  
DA "C2'" "H2''" sing N N 21  
DA "C1'" N9     sing N N 22  
DA "C1'" "H1'"  sing N N 23  
DA N9    C8     sing Y N 24  
DA N9    C4     sing Y N 25  
DA C8    N7     doub Y N 26  
DA C8    H8     sing N N 27  
DA N7    C5     sing Y N 28  
DA C5    C6     sing Y N 29  
DA C5    C4     doub Y N 30  
DA C6    N6     sing N N 31  
DA C6    N1     doub Y N 32  
DA N6    H61    sing N N 33  
DA N6    H62    sing N N 34  
DA N1    C2     sing Y N 35  
DA C2    N3     doub Y N 36  
DA C2    H2     sing N N 37  
DA N3    C4     sing Y N 38  
DC OP3   P      sing N N 39  
DC OP3   HOP3   sing N N 40  
DC P     OP1    doub N N 41  
DC P     OP2    sing N N 42  
DC P     "O5'"  sing N N 43  
DC OP2   HOP2   sing N N 44  
DC "O5'" "C5'"  sing N N 45  
DC "C5'" "C4'"  sing N N 46  
DC "C5'" "H5'"  sing N N 47  
DC "C5'" "H5''" sing N N 48  
DC "C4'" "O4'"  sing N N 49  
DC "C4'" "C3'"  sing N N 50  
DC "C4'" "H4'"  sing N N 51  
DC "O4'" "C1'"  sing N N 52  
DC "C3'" "O3'"  sing N N 53  
DC "C3'" "C2'"  sing N N 54  
DC "C3'" "H3'"  sing N N 55  
DC "O3'" "HO3'" sing N N 56  
DC "C2'" "C1'"  sing N N 57  
DC "C2'" "H2'"  sing N N 58  
DC "C2'" "H2''" sing N N 59  
DC "C1'" N1     sing N N 60  
DC "C1'" "H1'"  sing N N 61  
DC N1    C2     sing N N 62  
DC N1    C6     sing N N 63  
DC C2    O2     doub N N 64  
DC C2    N3     sing N N 65  
DC N3    C4     doub N N 66  
DC C4    N4     sing N N 67  
DC C4    C5     sing N N 68  
DC N4    H41    sing N N 69  
DC N4    H42    sing N N 70  
DC C5    C6     doub N N 71  
DC C5    H5     sing N N 72  
DC C6    H6     sing N N 73  
DG OP3   P      sing N N 74  
DG OP3   HOP3   sing N N 75  
DG P     OP1    doub N N 76  
DG P     OP2    sing N N 77  
DG P     "O5'"  sing N N 78  
DG OP2   HOP2   sing N N 79  
DG "O5'" "C5'"  sing N N 80  
DG "C5'" "C4'"  sing N N 81  
DG "C5'" "H5'"  sing N N 82  
DG "C5'" "H5''" sing N N 83  
DG "C4'" "O4'"  sing N N 84  
DG "C4'" "C3'"  sing N N 85  
DG "C4'" "H4'"  sing N N 86  
DG "O4'" "C1'"  sing N N 87  
DG "C3'" "O3'"  sing N N 88  
DG "C3'" "C2'"  sing N N 89  
DG "C3'" "H3'"  sing N N 90  
DG "O3'" "HO3'" sing N N 91  
DG "C2'" "C1'"  sing N N 92  
DG "C2'" "H2'"  sing N N 93  
DG "C2'" "H2''" sing N N 94  
DG "C1'" N9     sing N N 95  
DG "C1'" "H1'"  sing N N 96  
DG N9    C8     sing Y N 97  
DG N9    C4     sing Y N 98  
DG C8    N7     doub Y N 99  
DG C8    H8     sing N N 100 
DG N7    C5     sing Y N 101 
DG C5    C6     sing N N 102 
DG C5    C4     doub Y N 103 
DG C6    O6     doub N N 104 
DG C6    N1     sing N N 105 
DG N1    C2     sing N N 106 
DG N1    H1     sing N N 107 
DG C2    N2     sing N N 108 
DG C2    N3     doub N N 109 
DG N2    H21    sing N N 110 
DG N2    H22    sing N N 111 
DG N3    C4     sing N N 112 
DT OP3   P      sing N N 113 
DT OP3   HOP3   sing N N 114 
DT P     OP1    doub N N 115 
DT P     OP2    sing N N 116 
DT P     "O5'"  sing N N 117 
DT OP2   HOP2   sing N N 118 
DT "O5'" "C5'"  sing N N 119 
DT "C5'" "C4'"  sing N N 120 
DT "C5'" "H5'"  sing N N 121 
DT "C5'" "H5''" sing N N 122 
DT "C4'" "O4'"  sing N N 123 
DT "C4'" "C3'"  sing N N 124 
DT "C4'" "H4'"  sing N N 125 
DT "O4'" "C1'"  sing N N 126 
DT "C3'" "O3'"  sing N N 127 
DT "C3'" "C2'"  sing N N 128 
DT "C3'" "H3'"  sing N N 129 
DT "O3'" "HO3'" sing N N 130 
DT "C2'" "C1'"  sing N N 131 
DT "C2'" "H2'"  sing N N 132 
DT "C2'" "H2''" sing N N 133 
DT "C1'" N1     sing N N 134 
DT "C1'" "H1'"  sing N N 135 
DT N1    C2     sing N N 136 
DT N1    C6     sing N N 137 
DT C2    O2     doub N N 138 
DT C2    N3     sing N N 139 
DT N3    C4     sing N N 140 
DT N3    H3     sing N N 141 
DT C4    O4     doub N N 142 
DT C4    C5     sing N N 143 
DT C5    C7     sing N N 144 
DT C5    C6     doub N N 145 
DT C7    H71    sing N N 146 
DT C7    H72    sing N N 147 
DT C7    H73    sing N N 148 
DT C6    H6     sing N N 149 
# 
_ndb_struct_conf_na.entry_id   1X2V 
_ndb_struct_conf_na.feature    'double helix' 
# 
loop_
_ndb_struct_na_base_pair.model_number 
_ndb_struct_na_base_pair.i_label_asym_id 
_ndb_struct_na_base_pair.i_label_comp_id 
_ndb_struct_na_base_pair.i_label_seq_id 
_ndb_struct_na_base_pair.i_symmetry 
_ndb_struct_na_base_pair.j_label_asym_id 
_ndb_struct_na_base_pair.j_label_comp_id 
_ndb_struct_na_base_pair.j_label_seq_id 
_ndb_struct_na_base_pair.j_symmetry 
_ndb_struct_na_base_pair.shear 
_ndb_struct_na_base_pair.stretch 
_ndb_struct_na_base_pair.stagger 
_ndb_struct_na_base_pair.buckle 
_ndb_struct_na_base_pair.propeller 
_ndb_struct_na_base_pair.opening 
_ndb_struct_na_base_pair.pair_number 
_ndb_struct_na_base_pair.pair_name 
_ndb_struct_na_base_pair.i_auth_asym_id 
_ndb_struct_na_base_pair.i_auth_seq_id 
_ndb_struct_na_base_pair.i_PDB_ins_code 
_ndb_struct_na_base_pair.j_auth_asym_id 
_ndb_struct_na_base_pair.j_auth_seq_id 
_ndb_struct_na_base_pair.j_PDB_ins_code 
_ndb_struct_na_base_pair.hbond_type_28 
_ndb_struct_na_base_pair.hbond_type_12 
1 A DG 1  1_555 B DC 12 1_555 -0.878 -0.290 -0.001 0.264  0.123  1.038  1  A_DG1:DC24_B  A 1  ? B 24 ? 19 1 
1 A DA 2  1_555 B DT 11 1_555 -0.042 -0.127 -0.009 -0.217 -0.349 -1.550 2  A_DA2:DT23_B  A 2  ? B 23 ? 20 1 
1 A DC 3  1_555 B DG 10 1_555 0.696  -0.203 -0.010 0.079  -0.190 0.843  3  A_DC3:DG22_B  A 3  ? B 22 ? 19 1 
1 A DT 4  1_555 B DA 9  1_555 -0.280 -0.179 0.005  -0.150 -0.845 -3.034 4  A_DT4:DA21_B  A 4  ? B 21 ? 20 1 
1 A DG 5  1_555 B DC 8  1_555 0.215  -0.027 -0.004 -0.112 -0.644 0.897  5  A_DG5:DC20_B  A 5  ? B 20 ? 19 1 
1 A DT 6  1_555 B DA 7  1_555 0.424  -0.242 0.004  0.076  -0.596 -0.020 6  A_DT6:DA19_B  A 6  ? B 19 ? 20 1 
1 A DA 7  1_555 B DT 6  1_555 -0.424 -0.244 0.005  -0.065 -0.613 0.034  7  A_DA7:DT18_B  A 7  ? B 18 ? 20 1 
1 A DC 8  1_555 B DG 5  1_555 -0.198 -0.027 -0.005 0.114  -0.641 0.946  8  A_DC8:DG17_B  A 8  ? B 17 ? 19 1 
1 A DA 9  1_555 B DT 4  1_555 0.260  -0.185 0.006  0.165  -0.883 -2.897 9  A_DA9:DT16_B  A 9  ? B 16 ? 20 1 
1 A DG 10 1_555 B DC 3  1_555 -0.711 -0.209 -0.010 -0.097 -0.201 0.902  10 A_DG10:DC15_B A 10 ? B 15 ? 19 1 
1 A DT 11 1_555 B DA 2  1_555 0.042  -0.131 -0.009 0.239  -0.339 -1.153 11 A_DT11:DA14_B A 11 ? B 14 ? 20 1 
1 A DC 12 1_555 B DG 1  1_555 0.875  -0.286 -0.001 -0.272 0.139  1.111  12 A_DC12:DG13_B A 12 ? B 13 ? 19 1 
# 
loop_
_ndb_struct_na_base_pair_step.model_number 
_ndb_struct_na_base_pair_step.i_label_asym_id_1 
_ndb_struct_na_base_pair_step.i_label_comp_id_1 
_ndb_struct_na_base_pair_step.i_label_seq_id_1 
_ndb_struct_na_base_pair_step.i_symmetry_1 
_ndb_struct_na_base_pair_step.j_label_asym_id_1 
_ndb_struct_na_base_pair_step.j_label_comp_id_1 
_ndb_struct_na_base_pair_step.j_label_seq_id_1 
_ndb_struct_na_base_pair_step.j_symmetry_1 
_ndb_struct_na_base_pair_step.i_label_asym_id_2 
_ndb_struct_na_base_pair_step.i_label_comp_id_2 
_ndb_struct_na_base_pair_step.i_label_seq_id_2 
_ndb_struct_na_base_pair_step.i_symmetry_2 
_ndb_struct_na_base_pair_step.j_label_asym_id_2 
_ndb_struct_na_base_pair_step.j_label_comp_id_2 
_ndb_struct_na_base_pair_step.j_label_seq_id_2 
_ndb_struct_na_base_pair_step.j_symmetry_2 
_ndb_struct_na_base_pair_step.shift 
_ndb_struct_na_base_pair_step.slide 
_ndb_struct_na_base_pair_step.rise 
_ndb_struct_na_base_pair_step.tilt 
_ndb_struct_na_base_pair_step.roll 
_ndb_struct_na_base_pair_step.twist 
_ndb_struct_na_base_pair_step.x_displacement 
_ndb_struct_na_base_pair_step.y_displacement 
_ndb_struct_na_base_pair_step.helical_rise 
_ndb_struct_na_base_pair_step.inclination 
_ndb_struct_na_base_pair_step.tip 
_ndb_struct_na_base_pair_step.helical_twist 
_ndb_struct_na_base_pair_step.step_number 
_ndb_struct_na_base_pair_step.step_name 
_ndb_struct_na_base_pair_step.i_auth_asym_id_1 
_ndb_struct_na_base_pair_step.i_auth_seq_id_1 
_ndb_struct_na_base_pair_step.i_PDB_ins_code_1 
_ndb_struct_na_base_pair_step.j_auth_asym_id_1 
_ndb_struct_na_base_pair_step.j_auth_seq_id_1 
_ndb_struct_na_base_pair_step.j_PDB_ins_code_1 
_ndb_struct_na_base_pair_step.i_auth_asym_id_2 
_ndb_struct_na_base_pair_step.i_auth_seq_id_2 
_ndb_struct_na_base_pair_step.i_PDB_ins_code_2 
_ndb_struct_na_base_pair_step.j_auth_asym_id_2 
_ndb_struct_na_base_pair_step.j_auth_seq_id_2 
_ndb_struct_na_base_pair_step.j_PDB_ins_code_2 
1 A DG 1  1_555 B DC 12 1_555 A DA 2  1_555 B DT 11 1_555 -0.048 -1.231 3.177 0.590  -1.139 35.477 -1.857 0.163  3.212 -1.868 
-0.968 35.499 1  AA_DG1DA2:DT23DC24_BB   A 1  ? B 24 ? A 2  ? B 23 ? 
1 A DA 2  1_555 B DT 11 1_555 A DC 3  1_555 B DG 10 1_555 -0.131 -0.871 3.234 0.274  2.206  37.283 -1.645 0.239  3.179 3.447  
-0.427 37.347 2  AA_DA2DC3:DG22DT23_BB   A 2  ? B 23 ? A 3  ? B 22 ? 
1 A DC 3  1_555 B DG 10 1_555 A DT 4  1_555 B DA 9  1_555 -0.384 -1.339 3.175 -0.534 2.251  28.886 -3.151 0.655  3.071 4.503  
1.069  28.977 3  AA_DC3DT4:DA21DG22_BB   A 3  ? B 22 ? A 4  ? B 21 ? 
1 A DT 4  1_555 B DA 9  1_555 A DG 5  1_555 B DC 8  1_555 0.136  -1.152 3.104 -0.141 8.560  31.935 -3.338 -0.261 2.712 15.220 
0.250  33.033 4  AA_DT4DG5:DC20DA21_BB   A 4  ? B 21 ? A 5  ? B 20 ? 
1 A DG 5  1_555 B DC 8  1_555 A DT 6  1_555 B DA 7  1_555 0.027  -1.078 3.290 -1.224 1.842  33.816 -2.146 -0.242 3.226 3.163  
2.101  33.886 5  AA_DG5DT6:DA19DC20_BB   A 5  ? B 20 ? A 6  ? B 19 ? 
1 A DT 6  1_555 B DA 7  1_555 A DA 7  1_555 B DT 6  1_555 -0.002 -1.591 3.209 -0.019 0.845  28.697 -3.394 -0.001 3.162 1.705  
0.037  28.710 6  AA_DT6DA7:DT18DA19_BB   A 6  ? B 19 ? A 7  ? B 18 ? 
1 A DA 7  1_555 B DT 6  1_555 A DC 8  1_555 B DG 5  1_555 -0.038 -1.054 3.289 1.207  1.944  34.016 -2.105 0.256  3.222 3.318  
-2.061 34.090 7  AA_DA7DC8:DG17DT18_BB   A 7  ? B 18 ? A 8  ? B 17 ? 
1 A DC 8  1_555 B DG 5  1_555 A DA 9  1_555 B DT 4  1_555 -0.126 -1.155 3.108 0.098  8.312  31.916 -3.320 0.238  2.729 14.804 
-0.175 32.954 8  AA_DC8DA9:DT16DG17_BB   A 8  ? B 17 ? A 9  ? B 16 ? 
1 A DA 9  1_555 B DT 4  1_555 A DG 10 1_555 B DC 3  1_555 0.390  -1.341 3.174 0.550  2.049  28.983 -3.103 -0.662 3.080 4.088  
-1.097 29.059 9  AA_DA9DG10:DC15DT16_BB  A 9  ? B 16 ? A 10 ? B 15 ? 
1 A DG 10 1_555 B DC 3  1_555 A DT 11 1_555 B DA 2  1_555 0.164  -0.873 3.232 -0.287 1.973  37.384 -1.614 -0.293 3.182 3.075  
0.447  37.435 10 AA_DG10DT11:DA14DC15_BB A 10 ? B 15 ? A 11 ? B 14 ? 
1 A DT 11 1_555 B DA 2  1_555 A DC 12 1_555 B DG 1  1_555 0.051  -1.263 3.168 -0.527 -0.802 35.310 -1.966 -0.159 3.194 -1.322 
0.868  35.323 11 AA_DT11DC12:DG13DA14_BB A 11 ? B 14 ? A 12 ? B 13 ? 
# 
loop_
_pdbx_nmr_spectrometer.spectrometer_id 
_pdbx_nmr_spectrometer.model 
_pdbx_nmr_spectrometer.manufacturer 
_pdbx_nmr_spectrometer.field_strength 
_pdbx_nmr_spectrometer.type 
1 AVANCE Bruker 800 ? 
2 AVANCE Bruker 600 ? 
3 AVANCE Bruker 500 ? 
# 
_atom_sites.entry_id                    1X2V 
_atom_sites.fract_transf_matrix[1][1]   1.000000 
_atom_sites.fract_transf_matrix[1][2]   0.000000 
_atom_sites.fract_transf_matrix[1][3]   0.000000 
_atom_sites.fract_transf_matrix[2][1]   0.000000 
_atom_sites.fract_transf_matrix[2][2]   1.000000 
_atom_sites.fract_transf_matrix[2][3]   0.000000 
_atom_sites.fract_transf_matrix[3][1]   0.000000 
_atom_sites.fract_transf_matrix[3][2]   0.000000 
_atom_sites.fract_transf_matrix[3][3]   1.000000 
_atom_sites.fract_transf_vector[1]      0.00000 
_atom_sites.fract_transf_vector[2]      0.00000 
_atom_sites.fract_transf_vector[3]      0.00000 
# 
loop_
_atom_type.symbol 
C 
H 
N 
O 
P 
# 
loop_
_atom_site.group_PDB 
_atom_site.id 
_atom_site.type_symbol 
_atom_site.label_atom_id 
_atom_site.label_alt_id 
_atom_site.label_comp_id 
_atom_site.label_asym_id 
_atom_site.label_entity_id 
_atom_site.label_seq_id 
_atom_site.pdbx_PDB_ins_code 
_atom_site.Cartn_x 
_atom_site.Cartn_y 
_atom_site.Cartn_z 
_atom_site.occupancy 
_atom_site.B_iso_or_equiv 
_atom_site.pdbx_formal_charge 
_atom_site.auth_seq_id 
_atom_site.auth_comp_id 
_atom_site.auth_asym_id 
_atom_site.auth_atom_id 
_atom_site.pdbx_PDB_model_num 
ATOM 1   O "O5'"  . DG A 1 1  ? 8.574   14.587  -7.680  1.00 2.72 ? 1  DG A "O5'"  1 
ATOM 2   C "C5'"  . DG A 1 1  ? 8.429   15.985  -7.420  1.00 2.82 ? 1  DG A "C5'"  1 
ATOM 3   C "C4'"  . DG A 1 1  ? 7.017   16.304  -6.986  1.00 2.75 ? 1  DG A "C4'"  1 
ATOM 4   O "O4'"  . DG A 1 1  ? 6.112   15.958  -8.074  1.00 2.76 ? 1  DG A "O4'"  1 
ATOM 5   C "C3'"  . DG A 1 1  ? 6.522   15.526  -5.771  1.00 2.56 ? 1  DG A "C3'"  1 
ATOM 6   O "O3'"  . DG A 1 1  ? 5.689   16.341  -4.948  1.00 2.54 ? 1  DG A "O3'"  1 
ATOM 7   C "C2'"  . DG A 1 1  ? 5.747   14.371  -6.376  1.00 2.45 ? 1  DG A "C2'"  1 
ATOM 8   C "C1'"  . DG A 1 1  ? 5.172   15.001  -7.629  1.00 2.59 ? 1  DG A "C1'"  1 
ATOM 9   N N9     . DG A 1 1  ? 4.910   14.064  -8.716  1.00 2.57 ? 1  DG A N9     1 
ATOM 10  C C8     . DG A 1 1  ? 5.819   13.247  -9.344  1.00 2.58 ? 1  DG A C8     1 
ATOM 11  N N7     . DG A 1 1  ? 5.286   12.508  -10.278 1.00 2.57 ? 1  DG A N7     1 
ATOM 12  C C5     . DG A 1 1  ? 3.943   12.859  -10.268 1.00 2.56 ? 1  DG A C5     1 
ATOM 13  C C6     . DG A 1 1  ? 2.864   12.389  -11.060 1.00 2.55 ? 1  DG A C6     1 
ATOM 14  O O6     . DG A 1 1  ? 2.882   11.539  -11.959 1.00 2.56 ? 1  DG A O6     1 
ATOM 15  N N1     . DG A 1 1  ? 1.669   13.012  -10.718 1.00 2.55 ? 1  DG A N1     1 
ATOM 16  C C2     . DG A 1 1  ? 1.528   13.966  -9.740  1.00 2.56 ? 1  DG A C2     1 
ATOM 17  N N2     . DG A 1 1  ? 0.291   14.451  -9.557  1.00 2.57 ? 1  DG A N2     1 
ATOM 18  N N3     . DG A 1 1  ? 2.526   14.413  -8.995  1.00 2.56 ? 1  DG A N3     1 
ATOM 19  C C4     . DG A 1 1  ? 3.695   13.820  -9.311  1.00 2.56 ? 1  DG A C4     1 
ATOM 20  H "H5'"  . DG A 1 1  ? 8.661   16.551  -8.323  1.00 2.96 ? 1  DG A "H5'"  1 
ATOM 21  H "H5''" . DG A 1 1  ? 9.114   16.286  -6.630  1.00 2.84 ? 1  DG A "H5''" 1 
ATOM 22  H "H4'"  . DG A 1 1  ? 6.987   17.361  -6.715  1.00 2.84 ? 1  DG A "H4'"  1 
ATOM 23  H "H3'"  . DG A 1 1  ? 7.350   15.186  -5.145  1.00 2.52 ? 1  DG A "H3'"  1 
ATOM 24  H "H2'"  . DG A 1 1  ? 6.401   13.529  -6.601  1.00 2.42 ? 1  DG A "H2'"  1 
ATOM 25  H "H2''" . DG A 1 1  ? 4.950   14.036  -5.712  1.00 2.33 ? 1  DG A "H2''" 1 
ATOM 26  H "H1'"  . DG A 1 1  ? 4.247   15.540  -7.411  1.00 2.59 ? 1  DG A "H1'"  1 
ATOM 27  H H8     . DG A 1 1  ? 6.868   13.221  -9.092  1.00 2.60 ? 1  DG A H8     1 
ATOM 28  H H1     . DG A 1 1  ? 0.842   12.740  -11.230 1.00 2.56 ? 1  DG A H1     1 
ATOM 29  H H21    . DG A 1 1  ? -0.473  14.111  -10.122 1.00 2.57 ? 1  DG A H21    1 
ATOM 30  H H22    . DG A 1 1  ? 0.125   15.154  -8.851  1.00 2.57 ? 1  DG A H22    1 
ATOM 31  H "HO5'" . DG A 1 1  ? 8.337   14.441  -8.598  1.00 2.80 ? 1  DG A "HO5'" 1 
ATOM 32  P P      . DA A 1 2  ? 4.951   15.701  -3.670  1.00 2.35 ? 2  DA A P      1 
ATOM 33  O OP1    . DA A 1 2  ? 4.712   16.784  -2.683  1.00 2.39 ? 2  DA A OP1    1 
ATOM 34  O OP2    . DA A 1 2  ? 5.714   14.493  -3.262  1.00 2.24 ? 2  DA A OP2    1 
ATOM 35  O "O5'"  . DA A 1 2  ? 3.540   15.226  -4.241  1.00 2.29 ? 2  DA A "O5'"  1 
ATOM 36  C "C5'"  . DA A 1 2  ? 2.664   16.147  -4.885  1.00 2.40 ? 2  DA A "C5'"  1 
ATOM 37  C "C4'"  . DA A 1 2  ? 1.290   15.539  -5.046  1.00 2.32 ? 2  DA A "C4'"  1 
ATOM 38  O "O4'"  . DA A 1 2  ? 1.301   14.689  -6.229  1.00 2.32 ? 2  DA A "O4'"  1 
ATOM 39  C "C3'"  . DA A 1 2  ? 0.826   14.648  -3.894  1.00 2.12 ? 2  DA A "C3'"  1 
ATOM 40  O "O3'"  . DA A 1 2  ? -0.530  14.940  -3.554  1.00 2.10 ? 2  DA A "O3'"  1 
ATOM 41  C "C2'"  . DA A 1 2  ? 0.974   13.237  -4.436  1.00 2.02 ? 2  DA A "C2'"  1 
ATOM 42  C "C1'"  . DA A 1 2  ? 0.724   13.441  -5.914  1.00 2.16 ? 2  DA A "C1'"  1 
ATOM 43  N N9     . DA A 1 2  ? 1.301   12.422  -6.791  1.00 2.14 ? 2  DA A N9     1 
ATOM 44  C C8     . DA A 1 2  ? 2.604   11.991  -6.843  1.00 2.14 ? 2  DA A C8     1 
ATOM 45  N N7     . DA A 1 2  ? 2.816   11.064  -7.744  1.00 2.14 ? 2  DA A N7     1 
ATOM 46  C C5     . DA A 1 2  ? 1.570   10.867  -8.321  1.00 2.14 ? 2  DA A C5     1 
ATOM 47  C C6     . DA A 1 2  ? 1.125   10.012  -9.345  1.00 2.15 ? 2  DA A C6     1 
ATOM 48  N N6     . DA A 1 2  ? 1.921   9.160   -9.996  1.00 2.15 ? 2  DA A N6     1 
ATOM 49  N N1     . DA A 1 2  ? -0.181  10.062  -9.681  1.00 2.16 ? 2  DA A N1     1 
ATOM 50  C C2     . DA A 1 2  ? -0.979  10.917  -9.029  1.00 2.17 ? 2  DA A C2     1 
ATOM 51  N N3     . DA A 1 2  ? -0.678  11.771  -8.054  1.00 2.16 ? 2  DA A N3     1 
ATOM 52  C C4     . DA A 1 2  ? 0.627   11.696  -7.743  1.00 2.14 ? 2  DA A C4     1 
ATOM 53  H "H5'"  . DA A 1 2  ? 3.060   16.405  -5.868  1.00 2.52 ? 2  DA A "H5'"  1 
ATOM 54  H "H5''" . DA A 1 2  ? 2.580   17.055  -4.289  1.00 2.45 ? 2  DA A "H5''" 1 
ATOM 55  H "H4'"  . DA A 1 2  ? 0.576   16.361  -5.111  1.00 2.39 ? 2  DA A "H4'"  1 
ATOM 56  H "H3'"  . DA A 1 2  ? 1.420   14.811  -2.993  1.00 2.09 ? 2  DA A "H3'"  1 
ATOM 57  H "H2'"  . DA A 1 2  ? 1.970   12.839  -4.237  1.00 1.99 ? 2  DA A "H2'"  1 
ATOM 58  H "H2''" . DA A 1 2  ? 0.230   12.565  -4.008  1.00 1.91 ? 2  DA A "H2''" 1 
ATOM 59  H "H1'"  . DA A 1 2  ? -0.343  13.519  -6.129  1.00 2.16 ? 2  DA A "H1'"  1 
ATOM 60  H H8     . DA A 1 2  ? 3.380   12.377  -6.200  1.00 2.15 ? 2  DA A H8     1 
ATOM 61  H H61    . DA A 1 2  ? 1.542   8.572   -10.723 1.00 2.17 ? 2  DA A H61    1 
ATOM 62  H H62    . DA A 1 2  ? 2.902   9.106   -9.762  1.00 2.15 ? 2  DA A H62    1 
ATOM 63  H H2     . DA A 1 2  ? -2.023  10.914  -9.343  1.00 2.19 ? 2  DA A H2     1 
ATOM 64  P P      . DC A 1 3  ? -1.300  14.034  -2.470  1.00 1.92 ? 3  DC A P      1 
ATOM 65  O OP1    . DC A 1 3  ? -2.172  14.925  -1.664  1.00 1.96 ? 3  DC A OP1    1 
ATOM 66  O OP2    . DC A 1 3  ? -0.297  13.177  -1.786  1.00 1.80 ? 3  DC A OP2    1 
ATOM 67  O "O5'"  . DC A 1 3  ? -2.233  13.095  -3.357  1.00 1.89 ? 3  DC A "O5'"  1 
ATOM 68  C "C5'"  . DC A 1 3  ? -3.233  13.652  -4.206  1.00 2.01 ? 3  DC A "C5'"  1 
ATOM 69  C "C4'"  . DC A 1 3  ? -4.157  12.569  -4.709  1.00 1.95 ? 3  DC A "C4'"  1 
ATOM 70  O "O4'"  . DC A 1 3  ? -3.426  11.756  -5.672  1.00 1.95 ? 3  DC A "O4'"  1 
ATOM 71  C "C3'"  . DC A 1 3  ? -4.674  11.603  -3.646  1.00 1.78 ? 3  DC A "C3'"  1 
ATOM 72  O "O3'"  . DC A 1 3  ? -6.059  11.327  -3.858  1.00 1.80 ? 3  DC A "O3'"  1 
ATOM 73  C "C2'"  . DC A 1 3  ? -3.815  10.364  -3.822  1.00 1.67 ? 3  DC A "C2'"  1 
ATOM 74  C "C1'"  . DC A 1 3  ? -3.494  10.396  -5.303  1.00 1.79 ? 3  DC A "C1'"  1 
ATOM 75  N N1     . DC A 1 3  ? -2.225  9.748   -5.677  1.00 1.76 ? 3  DC A N1     1 
ATOM 76  C C2     . DC A 1 3  ? -2.228  8.794   -6.700  1.00 1.77 ? 3  DC A C2     1 
ATOM 77  O O2     . DC A 1 3  ? -3.300  8.518   -7.261  1.00 1.81 ? 3  DC A O2     1 
ATOM 78  N N3     . DC A 1 3  ? -1.066  8.199   -7.051  1.00 1.76 ? 3  DC A N3     1 
ATOM 79  C C4     . DC A 1 3  ? 0.067   8.523   -6.423  1.00 1.74 ? 3  DC A C4     1 
ATOM 80  N N4     . DC A 1 3  ? 1.190   7.911   -6.802  1.00 1.74 ? 3  DC A N4     1 
ATOM 81  C C5     . DC A 1 3  ? 0.098   9.491   -5.376  1.00 1.73 ? 3  DC A C5     1 
ATOM 82  C C6     . DC A 1 3  ? -1.060  10.071  -5.038  1.00 1.74 ? 3  DC A C6     1 
ATOM 83  H "H5'"  . DC A 1 3  ? -2.760  14.143  -5.058  1.00 2.13 ? 3  DC A "H5'"  1 
ATOM 84  H "H5''" . DC A 1 3  ? -3.819  14.387  -3.655  1.00 2.05 ? 3  DC A "H5''" 1 
ATOM 85  H "H4'"  . DC A 1 3  ? -5.033  13.059  -5.134  1.00 2.05 ? 3  DC A "H4'"  1 
ATOM 86  H "H3'"  . DC A 1 3  ? -4.588  12.026  -2.643  1.00 1.74 ? 3  DC A "H3'"  1 
ATOM 87  H "H2'"  . DC A 1 3  ? -2.919  10.412  -3.205  1.00 1.61 ? 3  DC A "H2'"  1 
ATOM 88  H "H2''" . DC A 1 3  ? -4.369  9.458   -3.578  1.00 1.57 ? 3  DC A "H2''" 1 
ATOM 89  H "H1'"  . DC A 1 3  ? -4.295  9.944   -5.890  1.00 1.81 ? 3  DC A "H1'"  1 
ATOM 90  H H41    . DC A 1 3  ? 1.167   7.226   -7.543  1.00 1.76 ? 3  DC A H41    1 
ATOM 91  H H42    . DC A 1 3  ? 2.064   8.133   -6.347  1.00 1.74 ? 3  DC A H42    1 
ATOM 92  H H5     . DC A 1 3  ? 1.029   9.748   -4.870  1.00 1.73 ? 3  DC A H5     1 
ATOM 93  H H6     . DC A 1 3  ? -1.073  10.811  -4.237  1.00 1.74 ? 3  DC A H6     1 
ATOM 94  P P      . DT A 1 4  ? -6.801  10.209  -2.969  1.00 1.64 ? 4  DT A P      1 
ATOM 95  O OP1    . DT A 1 4  ? -8.185  10.679  -2.704  1.00 1.70 ? 4  DT A OP1    1 
ATOM 96  O OP2    . DT A 1 4  ? -5.916  9.860   -1.828  1.00 1.50 ? 4  DT A OP2    1 
ATOM 97  O "O5'"  . DT A 1 4  ? -6.882  8.949   -3.940  1.00 1.60 ? 4  DT A "O5'"  1 
ATOM 98  C "C5'"  . DT A 1 4  ? -7.469  9.060   -5.233  1.00 1.72 ? 4  DT A "C5'"  1 
ATOM 99  C "C4'"  . DT A 1 4  ? -7.687  7.690   -5.829  1.00 1.67 ? 4  DT A "C4'"  1 
ATOM 100 O "O4'"  . DT A 1 4  ? -6.415  7.220   -6.360  1.00 1.66 ? 4  DT A "O4'"  1 
ATOM 101 C "C3'"  . DT A 1 4  ? -8.161  6.617   -4.849  1.00 1.52 ? 4  DT A "C3'"  1 
ATOM 102 O "O3'"  . DT A 1 4  ? -9.213  5.840   -5.419  1.00 1.55 ? 4  DT A "O3'"  1 
ATOM 103 C "C2'"  . DT A 1 4  ? -6.927  5.772   -4.594  1.00 1.42 ? 4  DT A "C2'"  1 
ATOM 104 C "C1'"  . DT A 1 4  ? -6.157  5.917   -5.891  1.00 1.52 ? 4  DT A "C1'"  1 
ATOM 105 N N1     . DT A 1 4  ? -4.697  5.741   -5.768  1.00 1.48 ? 4  DT A N1     1 
ATOM 106 C C2     . DT A 1 4  ? -4.077  4.822   -6.587  1.00 1.49 ? 4  DT A C2     1 
ATOM 107 O O2     . DT A 1 4  ? -4.679  4.142   -7.402  1.00 1.53 ? 4  DT A O2     1 
ATOM 108 N N3     . DT A 1 4  ? -2.721  4.725   -6.415  1.00 1.47 ? 4  DT A N3     1 
ATOM 109 C C4     . DT A 1 4  ? -1.941  5.436   -5.527  1.00 1.44 ? 4  DT A C4     1 
ATOM 110 O O4     . DT A 1 4  ? -0.729  5.247   -5.492  1.00 1.45 ? 4  DT A O4     1 
ATOM 111 C C5     . DT A 1 4  ? -2.654  6.379   -4.696  1.00 1.43 ? 4  DT A C5     1 
ATOM 112 C C7     . DT A 1 4  ? -1.888  7.181   -3.691  1.00 1.42 ? 4  DT A C7     1 
ATOM 113 C C6     . DT A 1 4  ? -3.980  6.488   -4.854  1.00 1.44 ? 4  DT A C6     1 
ATOM 114 H "H5'"  . DT A 1 4  ? -6.811  9.635   -5.887  1.00 1.82 ? 4  DT A "H5'"  1 
ATOM 115 H "H5''" . DT A 1 4  ? -8.429  9.569   -5.160  1.00 1.79 ? 4  DT A "H5''" 1 
ATOM 116 H "H4'"  . DT A 1 4  ? -8.465  7.783   -6.588  1.00 1.75 ? 4  DT A "H4'"  1 
ATOM 117 H "H3'"  . DT A 1 4  ? -8.558  7.058   -3.933  1.00 1.50 ? 4  DT A "H3'"  1 
ATOM 118 H "H2'"  . DT A 1 4  ? -6.364  6.141   -3.737  1.00 1.36 ? 4  DT A "H2'"  1 
ATOM 119 H "H2''" . DT A 1 4  ? -7.188  4.727   -4.426  1.00 1.35 ? 4  DT A "H2''" 1 
ATOM 120 H "H1'"  . DT A 1 4  ? -6.525  5.225   -6.651  1.00 1.55 ? 4  DT A "H1'"  1 
ATOM 121 H H3     . DT A 1 4  ? -2.240  4.060   -7.002  1.00 1.49 ? 4  DT A H3     1 
ATOM 122 H H71    . DT A 1 4  ? -2.367  8.151   -3.559  1.00 1.54 ? 4  DT A H71    1 
ATOM 123 H H72    . DT A 1 4  ? -1.874  6.652   -2.739  1.00 1.85 ? 4  DT A H72    1 
ATOM 124 H H73    . DT A 1 4  ? -0.867  7.326   -4.042  1.00 1.83 ? 4  DT A H73    1 
ATOM 125 H H6     . DT A 1 4  ? -4.520  7.200   -4.229  1.00 1.45 ? 4  DT A H6     1 
ATOM 126 P P      . DG A 1 5  ? -9.808  4.583   -4.610  1.00 1.45 ? 5  DG A P      1 
ATOM 127 O OP1    . DG A 1 5  ? -11.205 4.383   -5.072  1.00 1.58 ? 5  DG A OP1    1 
ATOM 128 O OP2    . DG A 1 5  ? -9.536  4.775   -3.163  1.00 1.34 ? 5  DG A OP2    1 
ATOM 129 O "O5'"  . DG A 1 5  ? -8.938  3.349   -5.122  1.00 1.38 ? 5  DG A "O5'"  1 
ATOM 130 C "C5'"  . DG A 1 5  ? -8.858  3.039   -6.511  1.00 1.51 ? 5  DG A "C5'"  1 
ATOM 131 C "C4'"  . DG A 1 5  ? -8.249  1.668   -6.706  1.00 1.45 ? 5  DG A "C4'"  1 
ATOM 132 O "O4'"  . DG A 1 5  ? -6.801  1.808   -6.706  1.00 1.39 ? 5  DG A "O4'"  1 
ATOM 133 C "C3'"  . DG A 1 5  ? -8.573  0.645   -5.619  1.00 1.34 ? 5  DG A "C3'"  1 
ATOM 134 O "O3'"  . DG A 1 5  ? -8.904  -0.613  -6.207  1.00 1.42 ? 5  DG A "O3'"  1 
ATOM 135 C "C2'"  . DG A 1 5  ? -7.302  0.568   -4.792  1.00 1.18 ? 5  DG A "C2'"  1 
ATOM 136 C "C1'"  . DG A 1 5  ? -6.234  0.875   -5.814  1.00 1.23 ? 5  DG A "C1'"  1 
ATOM 137 N N9     . DG A 1 5  ? -5.000  1.438   -5.273  1.00 1.12 ? 5  DG A N9     1 
ATOM 138 C C8     . DG A 1 5  ? -4.880  2.493   -4.402  1.00 1.05 ? 5  DG A C8     1 
ATOM 139 N N7     . DG A 1 5  ? -3.643  2.777   -4.104  1.00 0.98 ? 5  DG A N7     1 
ATOM 140 C C5     . DG A 1 5  ? -2.897  1.847   -4.818  1.00 0.99 ? 5  DG A C5     1 
ATOM 141 C C6     . DG A 1 5  ? -1.494  1.657   -4.892  1.00 0.95 ? 5  DG A C6     1 
ATOM 142 O O6     . DG A 1 5  ? -0.599  2.295   -4.325  1.00 0.89 ? 5  DG A O6     1 
ATOM 143 N N1     . DG A 1 5  ? -1.165  0.597   -5.732  1.00 1.01 ? 5  DG A N1     1 
ATOM 144 C C2     . DG A 1 5  ? -2.071  -0.179  -6.414  1.00 1.11 ? 5  DG A C2     1 
ATOM 145 N N2     . DG A 1 5  ? -1.558  -1.157  -7.173  1.00 1.18 ? 5  DG A N2     1 
ATOM 146 N N3     . DG A 1 5  ? -3.380  -0.011  -6.355  1.00 1.15 ? 5  DG A N3     1 
ATOM 147 C C4     . DG A 1 5  ? -3.721  1.012   -5.544  1.00 1.08 ? 5  DG A C4     1 
ATOM 148 H "H5'"  . DG A 1 5  ? -8.240  3.780   -7.018  1.00 1.58 ? 5  DG A "H5'"  1 
ATOM 149 H "H5''" . DG A 1 5  ? -9.854  3.048   -6.949  1.00 1.60 ? 5  DG A "H5''" 1 
ATOM 150 H "H4'"  . DG A 1 5  ? -8.647  1.266   -7.638  1.00 1.57 ? 5  DG A "H4'"  1 
ATOM 151 H "H3'"  . DG A 1 5  ? -9.436  0.950   -5.023  1.00 1.34 ? 5  DG A "H3'"  1 
ATOM 152 H "H2'"  . DG A 1 5  ? -7.312  1.290   -3.980  1.00 1.11 ? 5  DG A "H2'"  1 
ATOM 153 H "H2''" . DG A 1 5  ? -7.153  -0.430  -4.380  1.00 1.14 ? 5  DG A "H2''" 1 
ATOM 154 H "H1'"  . DG A 1 5  ? -5.982  -0.010  -6.395  1.00 1.28 ? 5  DG A "H1'"  1 
ATOM 155 H H8     . DG A 1 5  ? -5.726  3.027   -3.997  1.00 1.08 ? 5  DG A H8     1 
ATOM 156 H H1     . DG A 1 5  ? -0.185  0.383   -5.851  1.00 1.00 ? 5  DG A H1     1 
ATOM 157 H H21    . DG A 1 5  ? -0.558  -1.289  -7.222  1.00 1.16 ? 5  DG A H21    1 
ATOM 158 H H22    . DG A 1 5  ? -2.173  -1.763  -7.698  1.00 1.27 ? 5  DG A H22    1 
ATOM 159 P P      . DT A 1 6  ? -9.033  -1.925  -5.284  1.00 1.36 ? 6  DT A P      1 
ATOM 160 O OP1    . DT A 1 6  ? -10.064 -2.797  -5.905  1.00 1.51 ? 6  DT A OP1    1 
ATOM 161 O OP2    . DT A 1 6  ? -9.186  -1.505  -3.868  1.00 1.24 ? 6  DT A OP2    1 
ATOM 162 O "O5'"  . DT A 1 6  ? -7.620  -2.642  -5.448  1.00 1.33 ? 6  DT A "O5'"  1 
ATOM 163 C "C5'"  . DT A 1 6  ? -7.129  -2.998  -6.737  1.00 1.48 ? 6  DT A "C5'"  1 
ATOM 164 C "C4'"  . DT A 1 6  ? -5.925  -3.901  -6.608  1.00 1.47 ? 6  DT A "C4'"  1 
ATOM 165 O "O4'"  . DT A 1 6  ? -4.792  -3.091  -6.184  1.00 1.34 ? 6  DT A "O4'"  1 
ATOM 166 C "C3'"  . DT A 1 6  ? -6.051  -5.020  -5.575  1.00 1.45 ? 6  DT A "C3'"  1 
ATOM 167 O "O3'"  . DT A 1 6  ? -5.553  -6.249  -6.103  1.00 1.60 ? 6  DT A "O3'"  1 
ATOM 168 C "C2'"  . DT A 1 6  ? -5.215  -4.538  -4.403  1.00 1.27 ? 6  DT A "C2'"  1 
ATOM 169 C "C1'"  . DT A 1 6  ? -4.156  -3.706  -5.088  1.00 1.23 ? 6  DT A "C1'"  1 
ATOM 170 N N1     . DT A 1 6  ? -3.542  -2.659  -4.247  1.00 1.05 ? 6  DT A N1     1 
ATOM 171 C C2     . DT A 1 6  ? -2.169  -2.641  -4.131  1.00 0.99 ? 6  DT A C2     1 
ATOM 172 O O2     . DT A 1 6  ? -1.441  -3.447  -4.686  1.00 1.08 ? 6  DT A O2     1 
ATOM 173 N N3     . DT A 1 6  ? -1.677  -1.638  -3.337  1.00 0.84 ? 6  DT A N3     1 
ATOM 174 C C4     . DT A 1 6  ? -2.400  -0.678  -2.662  1.00 0.76 ? 6  DT A C4     1 
ATOM 175 O O4     . DT A 1 6  ? -1.816  0.166   -1.987  1.00 0.68 ? 6  DT A O4     1 
ATOM 176 C C5     . DT A 1 6  ? -3.835  -0.757  -2.825  1.00 0.84 ? 6  DT A C5     1 
ATOM 177 C C7     . DT A 1 6  ? -4.700  0.240   -2.121  1.00 0.80 ? 6  DT A C7     1 
ATOM 178 C C6     . DT A 1 6  ? -4.333  -1.731  -3.599  1.00 0.97 ? 6  DT A C6     1 
ATOM 179 H "H5'"  . DT A 1 6  ? -6.844  -2.098  -7.284  1.00 1.52 ? 6  DT A "H5'"  1 
ATOM 180 H "H5''" . DT A 1 6  ? -7.903  -3.521  -7.297  1.00 1.61 ? 6  DT A "H5''" 1 
ATOM 181 H "H4'"  . DT A 1 6  ? -5.775  -4.385  -7.574  1.00 1.61 ? 6  DT A "H4'"  1 
ATOM 182 H "H3'"  . DT A 1 6  ? -7.093  -5.196  -5.297  1.00 1.49 ? 6  DT A "H3'"  1 
ATOM 183 H "H2'"  . DT A 1 6  ? -5.810  -3.954  -3.706  1.00 1.18 ? 6  DT A "H2'"  1 
ATOM 184 H "H2''" . DT A 1 6  ? -4.758  -5.373  -3.869  1.00 1.30 ? 6  DT A "H2''" 1 
ATOM 185 H "H1'"  . DT A 1 6  ? -3.362  -4.334  -5.490  1.00 1.31 ? 6  DT A "H1'"  1 
ATOM 186 H H3     . DT A 1 6  ? -0.674  -1.601  -3.234  1.00 0.81 ? 6  DT A H3     1 
ATOM 187 H H71    . DT A 1 6  ? -5.641  0.351   -2.658  1.00 1.23 ? 6  DT A H71    1 
ATOM 188 H H72    . DT A 1 6  ? -4.901  -0.105  -1.106  1.00 1.19 ? 6  DT A H72    1 
ATOM 189 H H73    . DT A 1 6  ? -4.189  1.202   -2.081  1.00 1.32 ? 6  DT A H73    1 
ATOM 190 H H6     . DT A 1 6  ? -5.414  -1.794  -3.723  1.00 1.04 ? 6  DT A H6     1 
ATOM 191 P P      . DA A 1 7  ? -5.433  -7.542  -5.153  1.00 1.66 ? 7  DA A P      1 
ATOM 192 O OP1    . DA A 1 7  ? -5.705  -8.733  -5.996  1.00 1.86 ? 7  DA A OP1    1 
ATOM 193 O OP2    . DA A 1 7  ? -6.239  -7.313  -3.926  1.00 1.58 ? 7  DA A OP2    1 
ATOM 194 O "O5'"  . DA A 1 7  ? -3.893  -7.572  -4.742  1.00 1.60 ? 7  DA A "O5'"  1 
ATOM 195 C "C5'"  . DA A 1 7  ? -2.873  -7.450  -5.730  1.00 1.67 ? 7  DA A "C5'"  1 
ATOM 196 C "C4'"  . DA A 1 7  ? -1.528  -7.813  -5.143  1.00 1.65 ? 7  DA A "C4'"  1 
ATOM 197 O "O4'"  . DA A 1 7  ? -0.986  -6.632  -4.489  1.00 1.43 ? 7  DA A "O4'"  1 
ATOM 198 C "C3'"  . DA A 1 7  ? -1.546  -8.913  -4.082  1.00 1.73 ? 7  DA A "C3'"  1 
ATOM 199 O "O3'"  . DA A 1 7  ? -0.497  -9.852  -4.315  1.00 1.88 ? 7  DA A "O3'"  1 
ATOM 200 C "C2'"  . DA A 1 7  ? -1.345  -8.171  -2.772  1.00 1.53 ? 7  DA A "C2'"  1 
ATOM 201 C "C1'"  . DA A 1 7  ? -0.520  -6.978  -3.205  1.00 1.37 ? 7  DA A "C1'"  1 
ATOM 202 N N9     . DA A 1 7  ? -0.627  -5.805  -2.336  1.00 1.13 ? 7  DA A N9     1 
ATOM 203 C C8     . DA A 1 7  ? -1.769  -5.155  -1.939  1.00 1.04 ? 7  DA A C8     1 
ATOM 204 N N7     . DA A 1 7  ? -1.547  -4.122  -1.164  1.00 0.84 ? 7  DA A N7     1 
ATOM 205 C C5     . DA A 1 7  ? -0.165  -4.093  -1.036  1.00 0.80 ? 7  DA A C5     1 
ATOM 206 C C6     . DA A 1 7  ? 0.702   -3.237  -0.338  1.00 0.64 ? 7  DA A C6     1 
ATOM 207 N N6     . DA A 1 7  ? 0.287   -2.197  0.390   1.00 0.52 ? 7  DA A N6     1 
ATOM 208 N N1     . DA A 1 7  ? 2.026   -3.485  -0.415  1.00 0.68 ? 7  DA A N1     1 
ATOM 209 C C2     . DA A 1 7  ? 2.443   -4.526  -1.147  1.00 0.85 ? 7  DA A C2     1 
ATOM 210 N N3     . DA A 1 7  ? 1.726   -5.401  -1.849  1.00 1.02 ? 7  DA A N3     1 
ATOM 211 C C4     . DA A 1 7  ? 0.413   -5.126  -1.750  1.00 0.98 ? 7  DA A C4     1 
ATOM 212 H "H5'"  . DA A 1 7  ? -2.838  -6.423  -6.098  1.00 1.60 ? 7  DA A "H5'"  1 
ATOM 213 H "H5''" . DA A 1 7  ? -3.086  -8.118  -6.564  1.00 1.84 ? 7  DA A "H5''" 1 
ATOM 214 H "H4'"  . DA A 1 7  ? -0.905  -8.181  -5.960  1.00 1.78 ? 7  DA A "H4'"  1 
ATOM 215 H "H3'"  . DA A 1 7  ? -2.482  -9.476  -4.101  1.00 1.82 ? 7  DA A "H3'"  1 
ATOM 216 H "H2'"  . DA A 1 7  ? -2.297  -7.877  -2.332  1.00 1.47 ? 7  DA A "H2'"  1 
ATOM 217 H "H2''" . DA A 1 7  ? -0.791  -8.776  -2.054  1.00 1.60 ? 7  DA A "H2''" 1 
ATOM 218 H "H1'"  . DA A 1 7  ? 0.535   -7.238  -3.306  1.00 1.42 ? 7  DA A "H1'"  1 
ATOM 219 H H8     . DA A 1 7  ? -2.758  -5.471  -2.231  1.00 1.14 ? 7  DA A H8     1 
ATOM 220 H H61    . DA A 1 7  ? 0.960   -1.615  0.868   1.00 0.48 ? 7  DA A H61    1 
ATOM 221 H H62    . DA A 1 7  ? -0.700  -1.991  0.461   1.00 0.52 ? 7  DA A H62    1 
ATOM 222 H H2     . DA A 1 7  ? 3.522   -4.679  -1.171  1.00 0.89 ? 7  DA A H2     1 
ATOM 223 P P      . DC A 1 8  ? -0.225  -11.032 -3.254  1.00 2.00 ? 8  DC A P      1 
ATOM 224 O OP1    . DC A 1 8  ? 0.226   -12.231 -4.004  1.00 2.22 ? 8  DC A OP1    1 
ATOM 225 O OP2    . DC A 1 8  ? -1.408  -11.128 -2.360  1.00 1.99 ? 8  DC A OP2    1 
ATOM 226 O "O5'"  . DC A 1 8  ? 1.002   -10.492 -2.393  1.00 1.89 ? 8  DC A "O5'"  1 
ATOM 227 C "C5'"  . DC A 1 8  ? 2.255   -10.203 -3.009  1.00 1.89 ? 8  DC A "C5'"  1 
ATOM 228 C "C4'"  . DC A 1 8  ? 3.318   -9.988  -1.958  1.00 1.83 ? 8  DC A "C4'"  1 
ATOM 229 O "O4'"  . DC A 1 8  ? 3.070   -8.702  -1.321  1.00 1.60 ? 8  DC A "O4'"  1 
ATOM 230 C "C3'"  . DC A 1 8  ? 3.347   -11.020 -0.831  1.00 1.96 ? 8  DC A "C3'"  1 
ATOM 231 O "O3'"  . DC A 1 8  ? 4.685   -11.433 -0.558  1.00 2.04 ? 8  DC A "O3'"  1 
ATOM 232 C "C2'"  . DC A 1 8  ? 2.745   -10.292 0.358   1.00 1.83 ? 8  DC A "C2'"  1 
ATOM 233 C "C1'"  . DC A 1 8  ? 3.114   -8.853  0.079   1.00 1.60 ? 8  DC A "C1'"  1 
ATOM 234 N N1     . DC A 1 8  ? 2.223   -7.851  0.689   1.00 1.44 ? 8  DC A N1     1 
ATOM 235 C C2     . DC A 1 8  ? 2.786   -6.817  1.445   1.00 1.30 ? 8  DC A C2     1 
ATOM 236 O O2     . DC A 1 8  ? 4.017   -6.781  1.590   1.00 1.31 ? 8  DC A O2     1 
ATOM 237 N N3     . DC A 1 8  ? 1.975   -5.887  1.999   1.00 1.20 ? 8  DC A N3     1 
ATOM 238 C C4     . DC A 1 8  ? 0.654   -5.963  1.821   1.00 1.21 ? 8  DC A C4     1 
ATOM 239 N N4     . DC A 1 8  ? -0.107  -5.022  2.381   1.00 1.14 ? 8  DC A N4     1 
ATOM 240 C C5     . DC A 1 8  ? 0.053   -7.008  1.060   1.00 1.33 ? 8  DC A C5     1 
ATOM 241 C C6     . DC A 1 8  ? 0.868   -7.924  0.519   1.00 1.45 ? 8  DC A C6     1 
ATOM 242 H "H5'"  . DC A 1 8  ? 2.166   -9.303  -3.618  1.00 1.78 ? 8  DC A "H5'"  1 
ATOM 243 H "H5''" . DC A 1 8  ? 2.552   -11.034 -3.647  1.00 2.05 ? 8  DC A "H5''" 1 
ATOM 244 H "H4'"  . DC A 1 8  ? 4.286   -10.045 -2.457  1.00 1.88 ? 8  DC A "H4'"  1 
ATOM 245 H "H3'"  . DC A 1 8  ? 2.787   -11.920 -1.094  1.00 2.10 ? 8  DC A "H3'"  1 
ATOM 246 H "H2'"  . DC A 1 8  ? 1.668   -10.438 0.409   1.00 1.85 ? 8  DC A "H2'"  1 
ATOM 247 H "H2''" . DC A 1 8  ? 3.193   -10.622 1.295   1.00 1.91 ? 8  DC A "H2''" 1 
ATOM 248 H "H1'"  . DC A 1 8  ? 4.135   -8.642  0.392   1.00 1.59 ? 8  DC A "H1'"  1 
ATOM 249 H H41    . DC A 1 8  ? 0.321   -4.283  2.920   1.00 1.10 ? 8  DC A H41    1 
ATOM 250 H H42    . DC A 1 8  ? -1.110  -5.048  2.267   1.00 1.15 ? 8  DC A H42    1 
ATOM 251 H H5     . DC A 1 8  ? -1.026  -7.060  0.922   1.00 1.35 ? 8  DC A H5     1 
ATOM 252 H H6     . DC A 1 8  ? 0.440   -8.743  -0.058  1.00 1.59 ? 8  DC A H6     1 
ATOM 253 P P      . DA A 1 9  ? 4.983   -12.426 0.672   1.00 2.20 ? 9  DA A P      1 
ATOM 254 O OP1    . DA A 1 9  ? 6.207   -13.194 0.332   1.00 2.37 ? 9  DA A OP1    1 
ATOM 255 O OP2    . DA A 1 9  ? 3.733   -13.151 1.014   1.00 2.30 ? 9  DA A OP2    1 
ATOM 256 O "O5'"  . DA A 1 9  ? 5.336   -11.444 1.878   1.00 2.04 ? 9  DA A "O5'"  1 
ATOM 257 C "C5'"  . DA A 1 9  ? 6.315   -10.420 1.722   1.00 1.90 ? 9  DA A "C5'"  1 
ATOM 258 C "C4'"  . DA A 1 9  ? 6.686   -9.839  3.067   1.00 1.82 ? 9  DA A "C4'"  1 
ATOM 259 O "O4'"  . DA A 1 9  ? 5.768   -8.748  3.360   1.00 1.63 ? 9  DA A "O4'"  1 
ATOM 260 C "C3'"  . DA A 1 9  ? 6.588   -10.800 4.251   1.00 1.99 ? 9  DA A "C3'"  1 
ATOM 261 O "O3'"  . DA A 1 9  ? 7.736   -10.669 5.089   1.00 2.02 ? 9  DA A "O3'"  1 
ATOM 262 C "C2'"  . DA A 1 9  ? 5.318   -10.377 4.968   1.00 1.93 ? 9  DA A "C2'"  1 
ATOM 263 C "C1'"  . DA A 1 9  ? 5.265   -8.895  4.669   1.00 1.69 ? 9  DA A "C1'"  1 
ATOM 264 N N9     . DA A 1 9  ? 3.932   -8.294  4.728   1.00 1.59 ? 9  DA A N9     1 
ATOM 265 C C8     . DA A 1 9  ? 2.778   -8.738  4.131   1.00 1.62 ? 9  DA A C8     1 
ATOM 266 N N7     . DA A 1 9  ? 1.738   -7.973  4.356   1.00 1.51 ? 9  DA A N7     1 
ATOM 267 C C5     . DA A 1 9  ? 2.239   -6.960  5.162   1.00 1.44 ? 9  DA A C5     1 
ATOM 268 C C6     . DA A 1 9  ? 1.638   -5.834  5.748   1.00 1.38 ? 9  DA A C6     1 
ATOM 269 N N6     . DA A 1 9  ? 0.348   -5.523  5.601   1.00 1.35 ? 9  DA A N6     1 
ATOM 270 N N1     . DA A 1 9  ? 2.417   -5.026  6.499   1.00 1.39 ? 9  DA A N1     1 
ATOM 271 C C2     . DA A 1 9  ? 3.711   -5.336  6.644   1.00 1.41 ? 9  DA A C2     1 
ATOM 272 N N3     . DA A 1 9  ? 4.392   -6.364  6.141   1.00 1.46 ? 9  DA A N3     1 
ATOM 273 C C4     . DA A 1 9  ? 3.588   -7.147  5.401   1.00 1.48 ? 9  DA A C4     1 
ATOM 274 H "H5'"  . DA A 1 9  ? 5.921   -9.627  1.085   1.00 1.77 ? 9  DA A "H5'"  1 
ATOM 275 H "H5''" . DA A 1 9  ? 7.210   -10.833 1.258   1.00 2.00 ? 9  DA A "H5''" 1 
ATOM 276 H "H4'"  . DA A 1 9  ? 7.729   -9.523  3.009   1.00 1.80 ? 9  DA A "H4'"  1 
ATOM 277 H "H3'"  . DA A 1 9  ? 6.553   -11.842 3.924   1.00 2.15 ? 9  DA A "H3'"  1 
ATOM 278 H "H2'"  . DA A 1 9  ? 4.448   -10.907 4.580   1.00 1.98 ? 9  DA A "H2'"  1 
ATOM 279 H "H2''" . DA A 1 9  ? 5.390   -10.547 6.042   1.00 2.01 ? 9  DA A "H2''" 1 
ATOM 280 H "H1'"  . DA A 1 9  ? 5.926   -8.332  5.330   1.00 1.66 ? 9  DA A "H1'"  1 
ATOM 281 H H8     . DA A 1 9  ? 2.729   -9.639  3.538   1.00 1.73 ? 9  DA A H8     1 
ATOM 282 H H61    . DA A 1 9  ? -0.025  -4.697  6.047   1.00 1.35 ? 9  DA A H61    1 
ATOM 283 H H62    . DA A 1 9  ? -0.252  -6.112  5.043   1.00 1.36 ? 9  DA A H62    1 
ATOM 284 H H2     . DA A 1 9  ? 4.290   -4.650  7.262   1.00 1.43 ? 9  DA A H2     1 
ATOM 285 P P      . DG A 1 10 ? 7.780   -11.412 6.516   1.00 2.21 ? 10 DG A P      1 
ATOM 286 O OP1    . DG A 1 10 ? 9.192   -11.798 6.767   1.00 2.32 ? 10 DG A OP1    1 
ATOM 287 O OP2    . DG A 1 10 ? 6.719   -12.452 6.552   1.00 2.36 ? 10 DG A OP2    1 
ATOM 288 O "O5'"  . DG A 1 10 ? 7.393   -10.264 7.552   1.00 2.10 ? 10 DG A "O5'"  1 
ATOM 289 C "C5'"  . DG A 1 10 ? 8.017   -8.984  7.488   1.00 1.92 ? 10 DG A "C5'"  1 
ATOM 290 C "C4'"  . DG A 1 10 ? 7.717   -8.192  8.739   1.00 1.92 ? 10 DG A "C4'"  1 
ATOM 291 O "O4'"  . DG A 1 10 ? 6.438   -7.518  8.558   1.00 1.82 ? 10 DG A "O4'"  1 
ATOM 292 C "C3'"  . DG A 1 10 ? 7.583   -9.013  10.020  1.00 2.15 ? 10 DG A "C3'"  1 
ATOM 293 O "O3'"  . DG A 1 10 ? 8.267   -8.371  11.095  1.00 2.20 ? 10 DG A "O3'"  1 
ATOM 294 C "C2'"  . DG A 1 10 ? 6.085   -9.080  10.261  1.00 2.19 ? 10 DG A "C2'"  1 
ATOM 295 C "C1'"  . DG A 1 10 ? 5.610   -7.769  9.673   1.00 1.98 ? 10 DG A "C1'"  1 
ATOM 296 N N9     . DG A 1 10 ? 4.219   -7.755  9.231   1.00 1.93 ? 10 DG A N9     1 
ATOM 297 C C8     . DG A 1 10 ? 3.599   -8.665  8.409   1.00 1.94 ? 10 DG A C8     1 
ATOM 298 N N7     . DG A 1 10 ? 2.343   -8.389  8.189   1.00 1.90 ? 10 DG A N7     1 
ATOM 299 C C5     . DG A 1 10 ? 2.118   -7.225  8.912   1.00 1.86 ? 10 DG A C5     1 
ATOM 300 C C6     . DG A 1 10 ? 0.940   -6.449  9.059   1.00 1.84 ? 10 DG A C6     1 
ATOM 301 O O6     . DG A 1 10 ? -0.176  -6.643  8.565   1.00 1.81 ? 10 DG A O6     1 
ATOM 302 N N1     . DG A 1 10 ? 1.152   -5.348  9.882   1.00 1.88 ? 10 DG A N1     1 
ATOM 303 C C2     . DG A 1 10 ? 2.345   -5.032  10.485  1.00 1.92 ? 10 DG A C2     1 
ATOM 304 N N2     . DG A 1 10 ? 2.352   -3.927  11.245  1.00 1.98 ? 10 DG A N2     1 
ATOM 305 N N3     . DG A 1 10 ? 3.450   -5.746  10.356  1.00 1.91 ? 10 DG A N3     1 
ATOM 306 C C4     . DG A 1 10 ? 3.266   -6.822  9.561   1.00 1.89 ? 10 DG A C4     1 
ATOM 307 H "H5'"  . DG A 1 10 ? 7.647   -8.437  6.620   1.00 1.77 ? 10 DG A "H5'"  1 
ATOM 308 H "H5''" . DG A 1 10 ? 9.096   -9.104  7.397   1.00 1.95 ? 10 DG A "H5''" 1 
ATOM 309 H "H4'"  . DG A 1 10 ? 8.550   -7.505  8.897   1.00 1.86 ? 10 DG A "H4'"  1 
ATOM 310 H "H3'"  . DG A 1 10 ? 8.029   -10.004 9.910   1.00 2.27 ? 10 DG A "H3'"  1 
ATOM 311 H "H2'"  . DG A 1 10 ? 5.642   -9.941  9.761   1.00 2.24 ? 10 DG A "H2'"  1 
ATOM 312 H "H2''" . DG A 1 10 ? 5.854   -9.128  11.325  1.00 2.32 ? 10 DG A "H2''" 1 
ATOM 313 H "H1'"  . DG A 1 10 ? 5.757   -6.945  10.373  1.00 1.98 ? 10 DG A "H1'"  1 
ATOM 314 H H8     . DG A 1 10 ? 4.100   -9.526  7.992   1.00 2.01 ? 10 DG A H8     1 
ATOM 315 H H1     . DG A 1 10 ? 0.367   -4.733  10.047  1.00 1.89 ? 10 DG A H1     1 
ATOM 316 H H21    . DG A 1 10 ? 1.509   -3.379  11.346  1.00 2.01 ? 10 DG A H21    1 
ATOM 317 H H22    . DG A 1 10 ? 3.199   -3.644  11.715  1.00 2.02 ? 10 DG A H22    1 
ATOM 318 P P      . DT A 1 11 ? 8.089   -8.911  12.599  1.00 2.45 ? 11 DT A P      1 
ATOM 319 O OP1    . DT A 1 11 ? 9.348   -8.639  13.339  1.00 2.51 ? 11 DT A OP1    1 
ATOM 320 O OP2    . DT A 1 11 ? 7.565   -10.299 12.531  1.00 2.60 ? 11 DT A OP2    1 
ATOM 321 O "O5'"  . DT A 1 11 ? 6.947   -7.977  13.203  1.00 2.45 ? 11 DT A "O5'"  1 
ATOM 322 C "C5'"  . DT A 1 11 ? 7.063   -6.557  13.153  1.00 2.32 ? 11 DT A "C5'"  1 
ATOM 323 C "C4'"  . DT A 1 11 ? 6.022   -5.916  14.040  1.00 2.43 ? 11 DT A "C4'"  1 
ATOM 324 O "O4'"  . DT A 1 11 ? 4.747   -5.931  13.335  1.00 2.34 ? 11 DT A "O4'"  1 
ATOM 325 C "C3'"  . DT A 1 11 ? 5.773   -6.620  15.371  1.00 2.68 ? 11 DT A "C3'"  1 
ATOM 326 O "O3'"  . DT A 1 11 ? 5.644   -5.661  16.422  1.00 2.80 ? 11 DT A "O3'"  1 
ATOM 327 C "C2'"  . DT A 1 11 ? 4.487   -7.393  15.141  1.00 2.73 ? 11 DT A "C2'"  1 
ATOM 328 C "C1'"  . DT A 1 11 ? 3.757   -6.507  14.157  1.00 2.53 ? 11 DT A "C1'"  1 
ATOM 329 N N1     . DT A 1 11 ? 2.775   -7.200  13.298  1.00 2.47 ? 11 DT A N1     1 
ATOM 330 C C2     . DT A 1 11 ? 1.499   -6.685  13.226  1.00 2.46 ? 11 DT A C2     1 
ATOM 331 O O2     . DT A 1 11 ? 1.145   -5.687  13.831  1.00 2.51 ? 11 DT A O2     1 
ATOM 332 N N3     . DT A 1 11 ? 0.646   -7.386  12.414  1.00 2.40 ? 11 DT A N3     1 
ATOM 333 C C4     . DT A 1 11 ? 0.932   -8.522  11.685  1.00 2.38 ? 11 DT A C4     1 
ATOM 334 O O4     . DT A 1 11 ? 0.059   -9.042  10.996  1.00 2.35 ? 11 DT A O4     1 
ATOM 335 C C5     . DT A 1 11 ? 2.289   -9.007  11.806  1.00 2.41 ? 11 DT A C5     1 
ATOM 336 C C7     . DT A 1 11 ? 2.686   -10.241 11.058  1.00 2.44 ? 11 DT A C7     1 
ATOM 337 C C6     . DT A 1 11 ? 3.136   -8.332  12.596  1.00 2.45 ? 11 DT A C6     1 
ATOM 338 H "H5'"  . DT A 1 11 ? 6.922   -6.213  12.127  1.00 2.14 ? 11 DT A "H5'"  1 
ATOM 339 H "H5''" . DT A 1 11 ? 8.052   -6.255  13.494  1.00 2.33 ? 11 DT A "H5''" 1 
ATOM 340 H "H4'"  . DT A 1 11 ? 6.372   -4.911  14.279  1.00 2.40 ? 11 DT A "H4'"  1 
ATOM 341 H "H3'"  . DT A 1 11 ? 6.606   -7.273  15.642  1.00 2.75 ? 11 DT A "H3'"  1 
ATOM 342 H "H2'"  . DT A 1 11 ? 4.687   -8.381  14.735  1.00 2.74 ? 11 DT A "H2'"  1 
ATOM 343 H "H2''" . DT A 1 11 ? 3.916   -7.496  16.062  1.00 2.90 ? 11 DT A "H2''" 1 
ATOM 344 H "H1'"  . DT A 1 11 ? 3.249   -5.691  14.668  1.00 2.58 ? 11 DT A "H1'"  1 
ATOM 345 H H3     . DT A 1 11 ? -0.298  -7.034  12.343  1.00 2.39 ? 11 DT A H3     1 
ATOM 346 H H71    . DT A 1 11 ? 2.184   -10.257 10.091  1.00 2.69 ? 11 DT A H71    1 
ATOM 347 H H72    . DT A 1 11 ? 3.765   -10.244 10.908  1.00 2.51 ? 11 DT A H72    1 
ATOM 348 H H73    . DT A 1 11 ? 2.397   -11.122 11.632  1.00 2.71 ? 11 DT A H73    1 
ATOM 349 H H6     . DT A 1 11 ? 4.160   -8.694  12.687  1.00 2.48 ? 11 DT A H6     1 
ATOM 350 P P      . DC A 1 12 ? 5.074   -6.112  17.859  1.00 3.08 ? 12 DC A P      1 
ATOM 351 O OP1    . DC A 1 12 ? 5.686   -5.236  18.890  1.00 3.19 ? 12 DC A OP1    1 
ATOM 352 O OP2    . DC A 1 12 ? 5.218   -7.586  17.972  1.00 3.18 ? 12 DC A OP2    1 
ATOM 353 O "O5'"  . DC A 1 12 ? 3.520   -5.766  17.773  1.00 3.09 ? 12 DC A "O5'"  1 
ATOM 354 C "C5'"  . DC A 1 12 ? 3.084   -4.442  17.477  1.00 3.00 ? 12 DC A "C5'"  1 
ATOM 355 C "C4'"  . DC A 1 12 ? 1.600   -4.308  17.732  1.00 3.10 ? 12 DC A "C4'"  1 
ATOM 356 O "O4'"  . DC A 1 12 ? 0.897   -5.024  16.679  1.00 2.96 ? 12 DC A "O4'"  1 
ATOM 357 C "C3'"  . DC A 1 12 ? 1.102   -4.892  19.052  1.00 3.36 ? 12 DC A "C3'"  1 
ATOM 358 O "O3'"  . DC A 1 12 ? 0.207   -3.995  19.719  1.00 3.48 ? 12 DC A "O3'"  1 
ATOM 359 C "C2'"  . DC A 1 12 ? 0.377   -6.167  18.654  1.00 3.36 ? 12 DC A "C2'"  1 
ATOM 360 C "C1'"  . DC A 1 12 ? -0.093  -5.848  17.247  1.00 3.12 ? 12 DC A "C1'"  1 
ATOM 361 N N1     . DC A 1 12 ? -0.299  -7.009  16.359  1.00 3.03 ? 12 DC A N1     1 
ATOM 362 C C2     . DC A 1 12 ? -1.565  -7.204  15.798  1.00 2.99 ? 12 DC A C2     1 
ATOM 363 O O2     . DC A 1 12 ? -2.472  -6.403  16.066  1.00 3.03 ? 12 DC A O2     1 
ATOM 364 N N3     . DC A 1 12 ? -1.769  -8.260  14.977  1.00 2.93 ? 12 DC A N3     1 
ATOM 365 C C4     . DC A 1 12 ? -0.767  -9.102  14.712  1.00 2.92 ? 12 DC A C4     1 
ATOM 366 N N4     . DC A 1 12 ? -1.013  -10.130 13.897  1.00 2.89 ? 12 DC A N4     1 
ATOM 367 C C5     . DC A 1 12 ? 0.532   -8.928  15.271  1.00 2.96 ? 12 DC A C5     1 
ATOM 368 C C6     . DC A 1 12 ? 0.720   -7.877  16.080  1.00 3.01 ? 12 DC A C6     1 
ATOM 369 H "H5'"  . DC A 1 12 ? 3.291   -4.212  16.431  1.00 2.81 ? 12 DC A "H5'"  1 
ATOM 370 H "H5''" . DC A 1 12 ? 3.616   -3.729  18.106  1.00 3.07 ? 12 DC A "H5''" 1 
ATOM 371 H "H4'"  . DC A 1 12 ? 1.370   -3.242  17.758  1.00 3.09 ? 12 DC A "H4'"  1 
ATOM 372 H "H3'"  . DC A 1 12 ? 1.926   -5.085  19.744  1.00 3.45 ? 12 DC A "H3'"  1 
ATOM 373 H "HO3'" . DC A 1 12 ? 0.707   -3.550  20.407  1.00 3.70 ? 12 DC A "HO3'" 1 
ATOM 374 H "H2'"  . DC A 1 12 ? 1.041   -7.028  18.686  1.00 3.38 ? 12 DC A "H2'"  1 
ATOM 375 H "H2''" . DC A 1 12 ? -0.479  -6.353  19.304  1.00 3.51 ? 12 DC A "H2''" 1 
ATOM 376 H "H1'"  . DC A 1 12 ? -1.016  -5.267  17.266  1.00 3.14 ? 12 DC A "H1'"  1 
ATOM 377 H H41    . DC A 1 12 ? -1.934  -10.252 13.501  1.00 2.86 ? 12 DC A H41    1 
ATOM 378 H H42    . DC A 1 12 ? -0.277  -10.785 13.675  1.00 2.90 ? 12 DC A H42    1 
ATOM 379 H H5     . DC A 1 12 ? 1.342   -9.623  15.048  1.00 2.96 ? 12 DC A H5     1 
ATOM 380 H H6     . DC A 1 12 ? 1.705   -7.711  16.512  1.00 3.04 ? 12 DC A H6     1 
ATOM 381 O "O5'"  . DG B 1 1  ? -11.446 -9.861  11.028  1.00 2.79 ? 13 DG B "O5'"  1 
ATOM 382 C "C5'"  . DG B 1 1  ? -12.291 -9.415  12.091  1.00 2.95 ? 13 DG B "C5'"  1 
ATOM 383 C "C4'"  . DG B 1 1  ? -11.736 -8.164  12.728  1.00 2.96 ? 13 DG B "C4'"  1 
ATOM 384 O "O4'"  . DG B 1 1  ? -10.449 -8.486  13.332  1.00 3.01 ? 13 DG B "O4'"  1 
ATOM 385 C "C3'"  . DG B 1 1  ? -11.467 -7.011  11.765  1.00 2.75 ? 13 DG B "C3'"  1 
ATOM 386 O "O3'"  . DG B 1 1  ? -11.799 -5.760  12.364  1.00 2.83 ? 13 DG B "O3'"  1 
ATOM 387 C "C2'"  . DG B 1 1  ? -9.980  -7.117  11.483  1.00 2.64 ? 13 DG B "C2'"  1 
ATOM 388 C "C1'"  . DG B 1 1  ? -9.448  -7.644  12.799  1.00 2.84 ? 13 DG B "C1'"  1 
ATOM 389 N N9     . DG B 1 1  ? -8.206  -8.403  12.695  1.00 2.81 ? 13 DG B N9     1 
ATOM 390 C C8     . DG B 1 1  ? -7.989  -9.544  11.963  1.00 2.76 ? 13 DG B C8     1 
ATOM 391 N N7     . DG B 1 1  ? -6.767  -9.993  12.059  1.00 2.77 ? 13 DG B N7     1 
ATOM 392 C C5     . DG B 1 1  ? -6.139  -9.095  12.912  1.00 2.81 ? 13 DG B C5     1 
ATOM 393 C C6     . DG B 1 1  ? -4.804  -9.061  13.389  1.00 2.83 ? 13 DG B C6     1 
ATOM 394 O O6     . DG B 1 1  ? -3.879  -9.845  13.144  1.00 2.82 ? 13 DG B O6     1 
ATOM 395 N N1     . DG B 1 1  ? -4.590  -7.977  14.232  1.00 2.89 ? 13 DG B N1     1 
ATOM 396 C C2     . DG B 1 1  ? -5.539  -7.044  14.575  1.00 2.93 ? 13 DG B C2     1 
ATOM 397 N N2     . DG B 1 1  ? -5.139  -6.069  15.404  1.00 3.01 ? 13 DG B N2     1 
ATOM 398 N N3     . DG B 1 1  ? -6.786  -7.065  14.138  1.00 2.91 ? 13 DG B N3     1 
ATOM 399 C C4     . DG B 1 1  ? -7.015  -8.110  13.315  1.00 2.84 ? 13 DG B C4     1 
ATOM 400 H "H5'"  . DG B 1 1  ? -12.369 -10.198 12.847  1.00 3.12 ? 13 DG B "H5'"  1 
ATOM 401 H "H5''" . DG B 1 1  ? -13.286 -9.201  11.703  1.00 2.93 ? 13 DG B "H5''" 1 
ATOM 402 H "H4'"  . DG B 1 1  ? -12.476 -7.805  13.445  1.00 3.10 ? 13 DG B "H4'"  1 
ATOM 403 H "H3'"  . DG B 1 1  ? -12.067 -7.096  10.857  1.00 2.65 ? 13 DG B "H3'"  1 
ATOM 404 H "H2'"  . DG B 1 1  ? -9.780  -7.797  10.655  1.00 2.54 ? 13 DG B "H2'"  1 
ATOM 405 H "H2''" . DG B 1 1  ? -9.549  -6.141  11.255  1.00 2.55 ? 13 DG B "H2''" 1 
ATOM 406 H "H1'"  . DG B 1 1  ? -9.298  -6.835  13.517  1.00 2.91 ? 13 DG B "H1'"  1 
ATOM 407 H H8     . DG B 1 1  ? -8.751  -10.022 11.365  1.00 2.74 ? 13 DG B H8     1 
ATOM 408 H H1     . DG B 1 1  ? -3.664  -7.869  14.622  1.00 2.91 ? 13 DG B H1     1 
ATOM 409 H H21    . DG B 1 1  ? -4.186  -6.049  15.739  1.00 3.03 ? 13 DG B H21    1 
ATOM 410 H H22    . DG B 1 1  ? -5.791  -5.353  15.692  1.00 3.07 ? 13 DG B H22    1 
ATOM 411 H "HO5'" . DG B 1 1  ? -10.539 -9.710  11.301  1.00 2.81 ? 13 DG B "HO5'" 1 
ATOM 412 P P      . DA B 1 2  ? -11.482 -4.388  11.585  1.00 2.68 ? 14 DA B P      1 
ATOM 413 O OP1    . DA B 1 2  ? -12.449 -3.361  12.047  1.00 2.81 ? 14 DA B OP1    1 
ATOM 414 O OP2    . DA B 1 2  ? -11.383 -4.701  10.136  1.00 2.45 ? 14 DA B OP2    1 
ATOM 415 O "O5'"  . DA B 1 2  ? -10.032 -3.978  12.103  1.00 2.68 ? 14 DA B "O5'"  1 
ATOM 416 C "C5'"  . DA B 1 2  ? -9.771  -3.821  13.495  1.00 2.89 ? 14 DA B "C5'"  1 
ATOM 417 C "C4'"  . DA B 1 2  ? -8.441  -3.133  13.705  1.00 2.86 ? 14 DA B "C4'"  1 
ATOM 418 O "O4'"  . DA B 1 2  ? -7.387  -4.132  13.601  1.00 2.78 ? 14 DA B "O4'"  1 
ATOM 419 C "C3'"  . DA B 1 2  ? -8.093  -2.051  12.684  1.00 2.69 ? 14 DA B "C3'"  1 
ATOM 420 O "O3'"  . DA B 1 2  ? -7.566  -0.897  13.341  1.00 2.79 ? 14 DA B "O3'"  1 
ATOM 421 C "C2'"  . DA B 1 2  ? -7.056  -2.705  11.789  1.00 2.48 ? 14 DA B "C2'"  1 
ATOM 422 C "C1'"  . DA B 1 2  ? -6.372  -3.655  12.748  1.00 2.59 ? 14 DA B "C1'"  1 
ATOM 423 N N9     . DA B 1 2  ? -5.707  -4.799  12.123  1.00 2.47 ? 14 DA B N9     1 
ATOM 424 C C8     . DA B 1 2  ? -6.241  -5.716  11.253  1.00 2.38 ? 14 DA B C8     1 
ATOM 425 N N7     . DA B 1 2  ? -5.392  -6.636  10.867  1.00 2.32 ? 14 DA B N7     1 
ATOM 426 C C5     . DA B 1 2  ? -4.217  -6.302  11.525  1.00 2.36 ? 14 DA B C5     1 
ATOM 427 C C6     . DA B 1 2  ? -2.940  -6.888  11.537  1.00 2.34 ? 14 DA B C6     1 
ATOM 428 N N6     . DA B 1 2  ? -2.620  -7.981  10.842  1.00 2.30 ? 14 DA B N6     1 
ATOM 429 N N1     . DA B 1 2  ? -1.988  -6.305  12.300  1.00 2.40 ? 14 DA B N1     1 
ATOM 430 C C2     . DA B 1 2  ? -2.309  -5.209  12.999  1.00 2.48 ? 14 DA B C2     1 
ATOM 431 N N3     . DA B 1 2  ? -3.473  -4.567  13.070  1.00 2.52 ? 14 DA B N3     1 
ATOM 432 C C4     . DA B 1 2  ? -4.396  -5.172  12.302  1.00 2.45 ? 14 DA B C4     1 
ATOM 433 H "H5'"  . DA B 1 2  ? -9.749  -4.799  13.977  1.00 2.97 ? 14 DA B "H5'"  1 
ATOM 434 H "H5''" . DA B 1 2  ? -10.555 -3.219  13.953  1.00 3.01 ? 14 DA B "H5''" 1 
ATOM 435 H "H4'"  . DA B 1 2  ? -8.479  -2.642  14.678  1.00 3.02 ? 14 DA B "H4'"  1 
ATOM 436 H "H3'"  . DA B 1 2  ? -8.973  -1.722  12.128  1.00 2.66 ? 14 DA B "H3'"  1 
ATOM 437 H "H2'"  . DA B 1 2  ? -7.525  -3.228  10.955  1.00 2.37 ? 14 DA B "H2'"  1 
ATOM 438 H "H2''" . DA B 1 2  ? -6.347  -1.975  11.399  1.00 2.39 ? 14 DA B "H2''" 1 
ATOM 439 H "H1'"  . DA B 1 2  ? -5.646  -3.133  13.375  1.00 2.65 ? 14 DA B "H1'"  1 
ATOM 440 H H8     . DA B 1 2  ? -7.266  -5.680  10.913  1.00 2.37 ? 14 DA B H8     1 
ATOM 441 H H61    . DA B 1 2  ? -1.683  -8.356  10.893  1.00 2.31 ? 14 DA B H61    1 
ATOM 442 H H62    . DA B 1 2  ? -3.315  -8.435  10.266  1.00 2.27 ? 14 DA B H62    1 
ATOM 443 H H2     . DA B 1 2  ? -1.503  -4.782  13.594  1.00 2.53 ? 14 DA B H2     1 
ATOM 444 P P      . DC B 1 3  ? -6.985  0.326   12.474  1.00 2.67 ? 15 DC B P      1 
ATOM 445 O OP1    . DC B 1 3  ? -7.354  1.580   13.181  1.00 2.86 ? 15 DC B OP1    1 
ATOM 446 O OP2    . DC B 1 3  ? -7.381  0.144   11.054  1.00 2.47 ? 15 DC B OP2    1 
ATOM 447 O "O5'"  . DC B 1 3  ? -5.405  0.149   12.580  1.00 2.58 ? 15 DC B "O5'"  1 
ATOM 448 C "C5'"  . DC B 1 3  ? -4.748  0.196   13.845  1.00 2.74 ? 15 DC B "C5'"  1 
ATOM 449 C "C4'"  . DC B 1 3  ? -3.252  0.292   13.654  1.00 2.63 ? 15 DC B "C4'"  1 
ATOM 450 O "O4'"  . DC B 1 3  ? -2.773  -0.992  13.161  1.00 2.48 ? 15 DC B "O4'"  1 
ATOM 451 C "C3'"  . DC B 1 3  ? -2.786  1.335   12.643  1.00 2.49 ? 15 DC B "C3'"  1 
ATOM 452 O "O3'"  . DC B 1 3  ? -1.635  2.022   13.134  1.00 2.54 ? 15 DC B "O3'"  1 
ATOM 453 C "C2'"  . DC B 1 3  ? -2.475  0.528   11.396  1.00 2.24 ? 15 DC B "C2'"  1 
ATOM 454 C "C1'"  . DC B 1 3  ? -2.038  -0.805  11.971  1.00 2.26 ? 15 DC B "C1'"  1 
ATOM 455 N N1     . DC B 1 3  ? -2.268  -1.965  11.094  1.00 2.11 ? 15 DC B N1     1 
ATOM 456 C C2     . DC B 1 3  ? -1.209  -2.843  10.840  1.00 2.02 ? 15 DC B C2     1 
ATOM 457 O O2     . DC B 1 3  ? -0.104  -2.616  11.356  1.00 2.05 ? 15 DC B O2     1 
ATOM 458 N N3     . DC B 1 3  ? -1.416  -3.912  10.038  1.00 1.92 ? 15 DC B N3     1 
ATOM 459 C C4     . DC B 1 3  ? -2.619  -4.120  9.501   1.00 1.89 ? 15 DC B C4     1 
ATOM 460 N N4     . DC B 1 3  ? -2.778  -5.188  8.716   1.00 1.82 ? 15 DC B N4     1 
ATOM 461 C C5     . DC B 1 3  ? -3.716  -3.242  9.741   1.00 1.96 ? 15 DC B C5     1 
ATOM 462 C C6     . DC B 1 3  ? -3.496  -2.186  10.535  1.00 2.08 ? 15 DC B C6     1 
ATOM 463 H "H5'"  . DC B 1 3  ? -4.980  -0.706  14.413  1.00 2.81 ? 15 DC B "H5'"  1 
ATOM 464 H "H5''" . DC B 1 3  ? -5.089  1.065   14.406  1.00 2.88 ? 15 DC B "H5''" 1 
ATOM 465 H "H4'"  . DC B 1 3  ? -2.820  0.575   14.614  1.00 2.77 ? 15 DC B "H4'"  1 
ATOM 466 H "H3'"  . DC B 1 3  ? -3.552  2.093   12.465  1.00 2.55 ? 15 DC B "H3'"  1 
ATOM 467 H "H2'"  . DC B 1 3  ? -3.352  0.433   10.757  1.00 2.19 ? 15 DC B "H2'"  1 
ATOM 468 H "H2''" . DC B 1 3  ? -1.662  0.975   10.824  1.00 2.14 ? 15 DC B "H2''" 1 
ATOM 469 H "H1'"  . DC B 1 3  ? -0.982  -0.788  12.246  1.00 2.25 ? 15 DC B "H1'"  1 
ATOM 470 H H41    . DC B 1 3  ? -2.000  -5.809  8.545   1.00 1.80 ? 15 DC B H41    1 
ATOM 471 H H42    . DC B 1 3  ? -3.675  -5.376  8.293   1.00 1.80 ? 15 DC B H42    1 
ATOM 472 H H5     . DC B 1 3  ? -4.695  -3.423  9.297   1.00 1.94 ? 15 DC B H5     1 
ATOM 473 H H6     . DC B 1 3  ? -4.311  -1.491  10.735  1.00 2.16 ? 15 DC B H6     1 
ATOM 474 P P      . DT B 1 4  ? -0.849  3.055   12.183  1.00 2.43 ? 16 DT B P      1 
ATOM 475 O OP1    . DT B 1 4  ? -0.384  4.174   13.042  1.00 2.61 ? 16 DT B OP1    1 
ATOM 476 O OP2    . DT B 1 4  ? -1.685  3.347   10.990  1.00 2.32 ? 16 DT B OP2    1 
ATOM 477 O "O5'"  . DT B 1 4  ? 0.432   2.234   11.711  1.00 2.26 ? 16 DT B "O5'"  1 
ATOM 478 C "C5'"  . DT B 1 4  ? 1.310   1.640   12.663  1.00 2.35 ? 16 DT B "C5'"  1 
ATOM 479 C "C4'"  . DT B 1 4  ? 2.580   1.178   11.988  1.00 2.19 ? 16 DT B "C4'"  1 
ATOM 480 O "O4'"  . DT B 1 4  ? 2.301   -0.084  11.318  1.00 2.06 ? 16 DT B "O4'"  1 
ATOM 481 C "C3'"  . DT B 1 4  ? 3.130   2.117   10.917  1.00 2.05 ? 16 DT B "C3'"  1 
ATOM 482 O "O3'"  . DT B 1 4  ? 4.542   2.265   11.050  1.00 2.05 ? 16 DT B "O3'"  1 
ATOM 483 C "C2'"  . DT B 1 4  ? 2.768   1.443   9.606   1.00 1.83 ? 16 DT B "C2'"  1 
ATOM 484 C "C1'"  . DT B 1 4  ? 2.757   -0.024  9.985   1.00 1.84 ? 16 DT B "C1'"  1 
ATOM 485 N N1     . DT B 1 4  ? 1.883   -0.874  9.152   1.00 1.73 ? 16 DT B N1     1 
ATOM 486 C C2     . DT B 1 4  ? 2.433   -1.988  8.555   1.00 1.63 ? 16 DT B C2     1 
ATOM 487 O O2     . DT B 1 4  ? 3.607   -2.300  8.676   1.00 1.63 ? 16 DT B O2     1 
ATOM 488 N N3     . DT B 1 4  ? 1.555   -2.726  7.805   1.00 1.56 ? 16 DT B N3     1 
ATOM 489 C C4     . DT B 1 4  ? 0.216   -2.467  7.594   1.00 1.56 ? 16 DT B C4     1 
ATOM 490 O O4     . DT B 1 4  ? -0.452  -3.229  6.900   1.00 1.51 ? 16 DT B O4     1 
ATOM 491 C C5     . DT B 1 4  ? -0.293  -1.282  8.245   1.00 1.66 ? 16 DT B C5     1 
ATOM 492 C C7     . DT B 1 4  ? -1.732  -0.915  8.057   1.00 1.69 ? 16 DT B C7     1 
ATOM 493 C C6     . DT B 1 4  ? 0.552   -0.550  8.985   1.00 1.75 ? 16 DT B C6     1 
ATOM 494 H "H5'"  . DT B 1 4  ? 0.821   0.784   13.131  1.00 2.41 ? 16 DT B "H5'"  1 
ATOM 495 H "H5''" . DT B 1 4  ? 1.565   2.366   13.434  1.00 2.50 ? 16 DT B "H5''" 1 
ATOM 496 H "H4'"  . DT B 1 4  ? 3.349   1.099   12.758  1.00 2.30 ? 16 DT B "H4'"  1 
ATOM 497 H "H3'"  . DT B 1 4  ? 2.700   3.118   11.000  1.00 2.14 ? 16 DT B "H3'"  1 
ATOM 498 H "H2'"  . DT B 1 4  ? 1.799   1.782   9.241   1.00 1.82 ? 16 DT B "H2'"  1 
ATOM 499 H "H2''" . DT B 1 4  ? 3.522   1.629   8.841   1.00 1.71 ? 16 DT B "H2''" 1 
ATOM 500 H "H1'"  . DT B 1 4  ? 3.763   -0.446  9.972   1.00 1.81 ? 16 DT B "H1'"  1 
ATOM 501 H H3     . DT B 1 4  ? 1.928   -3.548  7.356   1.00 1.53 ? 16 DT B H3     1 
ATOM 502 H H71    . DT B 1 4  ? -1.829  -0.251  7.198   1.00 1.84 ? 16 DT B H71    1 
ATOM 503 H H72    . DT B 1 4  ? -2.098  -0.408  8.949   1.00 2.21 ? 16 DT B H72    1 
ATOM 504 H H73    . DT B 1 4  ? -2.319  -1.818  7.886   1.00 1.89 ? 16 DT B H73    1 
ATOM 505 H H6     . DT B 1 4  ? 0.169   0.344   9.476   1.00 1.86 ? 16 DT B H6     1 
ATOM 506 P P      . DG B 1 5  ? 5.363   3.131   9.969   1.00 1.92 ? 17 DG B P      1 
ATOM 507 O OP1    . DG B 1 5  ? 6.579   3.646   10.649  1.00 2.02 ? 17 DG B OP1    1 
ATOM 508 O OP2    . DG B 1 5  ? 4.430   4.084   9.317   1.00 1.94 ? 17 DG B OP2    1 
ATOM 509 O "O5'"  . DG B 1 5  ? 5.821   2.058   8.884   1.00 1.68 ? 17 DG B "O5'"  1 
ATOM 510 C "C5'"  . DG B 1 5  ? 6.584   0.915   9.263   1.00 1.70 ? 17 DG B "C5'"  1 
ATOM 511 C "C4'"  . DG B 1 5  ? 7.155   0.238   8.038   1.00 1.50 ? 17 DG B "C4'"  1 
ATOM 512 O "O4'"  . DG B 1 5  ? 6.147   -0.667  7.506   1.00 1.39 ? 17 DG B "O4'"  1 
ATOM 513 C "C3'"  . DG B 1 5  ? 7.534   1.170   6.889   1.00 1.37 ? 17 DG B "C3'"  1 
ATOM 514 O "O3'"  . DG B 1 5  ? 8.802   0.797   6.348   1.00 1.31 ? 17 DG B "O3'"  1 
ATOM 515 C "C2'"  . DG B 1 5  ? 6.413   0.991   5.881   1.00 1.20 ? 17 DG B "C2'"  1 
ATOM 516 C "C1'"  . DG B 1 5  ? 5.988   -0.438  6.123   1.00 1.18 ? 17 DG B "C1'"  1 
ATOM 517 N N9     . DG B 1 5  ? 4.609   -0.746  5.756   1.00 1.10 ? 17 DG B N9     1 
ATOM 518 C C8     . DG B 1 5  ? 3.480   -0.044  6.102   1.00 1.18 ? 17 DG B C8     1 
ATOM 519 N N7     . DG B 1 5  ? 2.383   -0.570  5.633   1.00 1.09 ? 17 DG B N7     1 
ATOM 520 C C5     . DG B 1 5  ? 2.812   -1.686  4.928   1.00 0.96 ? 17 DG B C5     1 
ATOM 521 C C6     . DG B 1 5  ? 2.074   -2.652  4.198   1.00 0.88 ? 17 DG B C6     1 
ATOM 522 O O6     . DG B 1 5  ? 0.851   -2.718  4.026   1.00 0.87 ? 17 DG B O6     1 
ATOM 523 N N1     . DG B 1 5  ? 2.906   -3.615  3.636   1.00 0.87 ? 17 DG B N1     1 
ATOM 524 C C2     . DG B 1 5  ? 4.273   -3.644  3.760   1.00 0.89 ? 17 DG B C2     1 
ATOM 525 N N2     . DG B 1 5  ? 4.903   -4.653  3.141   1.00 0.94 ? 17 DG B N2     1 
ATOM 526 N N3     . DG B 1 5  ? 4.974   -2.751  4.439   1.00 0.93 ? 17 DG B N3     1 
ATOM 527 C C4     . DG B 1 5  ? 4.185   -1.808  4.992   1.00 0.97 ? 17 DG B C4     1 
ATOM 528 H "H5'"  . DG B 1 5  ? 5.949   0.209   9.799   1.00 1.77 ? 17 DG B "H5'"  1 
ATOM 529 H "H5''" . DG B 1 5  ? 7.404   1.218   9.913   1.00 1.83 ? 17 DG B "H5''" 1 
ATOM 530 H "H4'"  . DG B 1 5  ? 8.072   -0.267  8.344   1.00 1.55 ? 17 DG B "H4'"  1 
ATOM 531 H "H3'"  . DG B 1 5  ? 7.628   2.206   7.224   1.00 1.48 ? 17 DG B "H3'"  1 
ATOM 532 H "H2'"  . DG B 1 5  ? 5.604   1.695   6.058   1.00 1.26 ? 17 DG B "H2'"  1 
ATOM 533 H "H2''" . DG B 1 5  ? 6.772   1.109   4.859   1.00 1.09 ? 17 DG B "H2''" 1 
ATOM 534 H "H1'"  . DG B 1 5  ? 6.645   -1.134  5.605   1.00 1.11 ? 17 DG B "H1'"  1 
ATOM 535 H H8     . DG B 1 5  ? 3.500   0.858   6.695   1.00 1.32 ? 17 DG B H8     1 
ATOM 536 H H1     . DG B 1 5  ? 2.471   -4.348  3.095   1.00 0.89 ? 17 DG B H1     1 
ATOM 537 H H21    . DG B 1 5  ? 4.372   -5.338  2.621   1.00 0.99 ? 17 DG B H21    1 
ATOM 538 H H22    . DG B 1 5  ? 5.909   -4.729  3.194   1.00 0.98 ? 17 DG B H22    1 
ATOM 539 P P      . DT B 1 6  ? 9.313   1.451   4.969   1.00 1.21 ? 18 DT B P      1 
ATOM 540 O OP1    . DT B 1 6  ? 10.793  1.537   5.047   1.00 1.28 ? 18 DT B OP1    1 
ATOM 541 O OP2    . DT B 1 6  ? 8.523   2.679   4.694   1.00 1.24 ? 18 DT B OP2    1 
ATOM 542 O "O5'"  . DT B 1 6  ? 8.940   0.358   3.873   1.00 1.04 ? 18 DT B "O5'"  1 
ATOM 543 C "C5'"  . DT B 1 6  ? 9.423   -0.979  3.984   1.00 1.06 ? 18 DT B "C5'"  1 
ATOM 544 C "C4'"  . DT B 1 6  ? 9.172   -1.734  2.699   1.00 0.96 ? 18 DT B "C4'"  1 
ATOM 545 O "O4'"  . DT B 1 6  ? 7.751   -2.041  2.624   1.00 0.87 ? 18 DT B "O4'"  1 
ATOM 546 C "C3'"  . DT B 1 6  ? 9.509   -0.978  1.416   1.00 0.92 ? 18 DT B "C3'"  1 
ATOM 547 O "O3'"  . DT B 1 6  ? 10.202  -1.827  0.501   1.00 0.97 ? 18 DT B "O3'"  1 
ATOM 548 C "C2'"  . DT B 1 6  ? 8.157   -0.555  0.870   1.00 0.81 ? 18 DT B "C2'"  1 
ATOM 549 C "C1'"  . DT B 1 6  ? 7.254   -1.663  1.359   1.00 0.77 ? 18 DT B "C1'"  1 
ATOM 550 N N1     . DT B 1 6  ? 5.831   -1.295  1.501   1.00 0.68 ? 18 DT B N1     1 
ATOM 551 C C2     . DT B 1 6  ? 4.893   -2.070  0.857   1.00 0.62 ? 18 DT B C2     1 
ATOM 552 O O2     . DT B 1 6  ? 5.181   -3.042  0.177   1.00 0.70 ? 18 DT B O2     1 
ATOM 553 N N3     . DT B 1 6  ? 3.596   -1.666  1.040   1.00 0.55 ? 18 DT B N3     1 
ATOM 554 C C4     . DT B 1 6  ? 3.154   -0.591  1.781   1.00 0.57 ? 18 DT B C4     1 
ATOM 555 O O4     . DT B 1 6  ? 1.951   -0.354  1.858   1.00 0.54 ? 18 DT B O4     1 
ATOM 556 C C5     . DT B 1 6  ? 4.191   0.182   2.426   1.00 0.69 ? 18 DT B C5     1 
ATOM 557 C C7     . DT B 1 6  ? 3.804   1.375   3.243   1.00 0.84 ? 18 DT B C7     1 
ATOM 558 C C6     . DT B 1 6  ? 5.465   -0.200  2.259   1.00 0.72 ? 18 DT B C6     1 
ATOM 559 H "H5'"  . DT B 1 6  ? 8.913   -1.488  4.804   1.00 1.11 ? 18 DT B "H5'"  1 
ATOM 560 H "H5''" . DT B 1 6  ? 10.493  -0.970  4.184   1.00 1.14 ? 18 DT B "H5''" 1 
ATOM 561 H "H4'"  . DT B 1 6  ? 9.807   -2.621  2.714   1.00 1.03 ? 18 DT B "H4'"  1 
ATOM 562 H "H3'"  . DT B 1 6  ? 10.163  -0.126  1.610   1.00 0.98 ? 18 DT B "H3'"  1 
ATOM 563 H "H2'"  . DT B 1 6  ? 7.861   0.417   1.256   1.00 0.83 ? 18 DT B "H2'"  1 
ATOM 564 H "H2''" . DT B 1 6  ? 8.161   -0.521  -0.219  1.00 0.82 ? 18 DT B "H2''" 1 
ATOM 565 H "H1'"  . DT B 1 6  ? 7.321   -2.537  0.716   1.00 0.79 ? 18 DT B "H1'"  1 
ATOM 566 H H3     . DT B 1 6  ? 2.888   -2.217  0.580   1.00 0.55 ? 18 DT B H3     1 
ATOM 567 H H71    . DT B 1 6  ? 4.570   1.567   3.994   1.00 1.40 ? 18 DT B H71    1 
ATOM 568 H H72    . DT B 1 6  ? 2.852   1.183   3.739   1.00 1.51 ? 18 DT B H72    1 
ATOM 569 H H73    . DT B 1 6  ? 3.706   2.244   2.594   1.00 1.11 ? 18 DT B H73    1 
ATOM 570 H H6     . DT B 1 6  ? 6.250   0.381   2.743   1.00 0.83 ? 18 DT B H6     1 
ATOM 571 P P      . DA B 1 7  ? 10.529  -1.309  -0.987  1.00 1.02 ? 19 DA B P      1 
ATOM 572 O OP1    . DA B 1 7  ? 11.830  -1.892  -1.401  1.00 1.16 ? 19 DA B OP1    1 
ATOM 573 O OP2    . DA B 1 7  ? 10.347  0.165   -1.011  1.00 1.03 ? 19 DA B OP2    1 
ATOM 574 O "O5'"  . DA B 1 7  ? 9.385   -1.965  -1.880  1.00 0.98 ? 19 DA B "O5'"  1 
ATOM 575 C "C5'"  . DA B 1 7  ? 9.084   -3.354  -1.776  1.00 1.00 ? 19 DA B "C5'"  1 
ATOM 576 C "C4'"  . DA B 1 7  ? 8.199   -3.788  -2.921  1.00 1.04 ? 19 DA B "C4'"  1 
ATOM 577 O "O4'"  . DA B 1 7  ? 6.818   -3.505  -2.559  1.00 0.94 ? 19 DA B "O4'"  1 
ATOM 578 C "C3'"  . DA B 1 7  ? 8.441   -3.073  -4.250  1.00 1.12 ? 19 DA B "C3'"  1 
ATOM 579 O "O3'"  . DA B 1 7  ? 8.467   -4.009  -5.327  1.00 1.25 ? 19 DA B "O3'"  1 
ATOM 580 C "C2'"  . DA B 1 7  ? 7.269   -2.116  -4.378  1.00 1.05 ? 19 DA B "C2'"  1 
ATOM 581 C "C1'"  . DA B 1 7  ? 6.176   -2.846  -3.628  1.00 0.96 ? 19 DA B "C1'"  1 
ATOM 582 N N9     . DA B 1 7  ? 5.122   -1.991  -3.085  1.00 0.84 ? 19 DA B N9     1 
ATOM 583 C C8     . DA B 1 7  ? 5.264   -0.896  -2.268  1.00 0.76 ? 19 DA B C8     1 
ATOM 584 N N7     . DA B 1 7  ? 4.127   -0.334  -1.935  1.00 0.69 ? 19 DA B N7     1 
ATOM 585 C C5     . DA B 1 7  ? 3.172   -1.107  -2.579  1.00 0.72 ? 19 DA B C5     1 
ATOM 586 C C6     . DA B 1 7  ? 1.771   -1.030  -2.629  1.00 0.71 ? 19 DA B C6     1 
ATOM 587 N N6     . DA B 1 7  ? 1.057   -0.102  -1.988  1.00 0.64 ? 19 DA B N6     1 
ATOM 588 N N1     . DA B 1 7  ? 1.117   -1.953  -3.366  1.00 0.82 ? 19 DA B N1     1 
ATOM 589 C C2     . DA B 1 7  ? 1.832   -2.887  -4.006  1.00 0.93 ? 19 DA B C2     1 
ATOM 590 N N3     . DA B 1 7  ? 3.151   -3.063  -4.035  1.00 0.94 ? 19 DA B N3     1 
ATOM 591 C C4     . DA B 1 7  ? 3.770   -2.129  -3.293  1.00 0.83 ? 19 DA B C4     1 
ATOM 592 H "H5'"  . DA B 1 7  ? 8.571   -3.550  -0.833  1.00 0.94 ? 19 DA B "H5'"  1 
ATOM 593 H "H5''" . DA B 1 7  ? 10.006  -3.934  -1.804  1.00 1.11 ? 19 DA B "H5''" 1 
ATOM 594 H "H4'"  . DA B 1 7  ? 8.391   -4.847  -3.099  1.00 1.13 ? 19 DA B "H4'"  1 
ATOM 595 H "H3'"  . DA B 1 7  ? 9.403   -2.555  -4.260  1.00 1.16 ? 19 DA B "H3'"  1 
ATOM 596 H "H2'"  . DA B 1 7  ? 7.498   -1.147  -3.935  1.00 1.01 ? 19 DA B "H2'"  1 
ATOM 597 H "H2''" . DA B 1 7  ? 6.983   -1.973  -5.420  1.00 1.14 ? 19 DA B "H2''" 1 
ATOM 598 H "H1'"  . DA B 1 7  ? 5.713   -3.617  -4.246  1.00 1.03 ? 19 DA B "H1'"  1 
ATOM 599 H H8     . DA B 1 7  ? 6.222   -0.528  -1.938  1.00 0.78 ? 19 DA B H8     1 
ATOM 600 H H61    . DA B 1 7  ? 0.050   -0.100  -2.060  1.00 0.65 ? 19 DA B H61    1 
ATOM 601 H H62    . DA B 1 7  ? 1.525   0.597   -1.429  1.00 0.61 ? 19 DA B H62    1 
ATOM 602 H H2     . DA B 1 7  ? 1.251   -3.604  -4.586  1.00 1.04 ? 19 DA B H2     1 
ATOM 603 P P      . DC B 1 8  ? 8.572   -3.484  -6.845  1.00 1.39 ? 20 DC B P      1 
ATOM 604 O OP1    . DC B 1 8  ? 9.363   -4.487  -7.603  1.00 1.54 ? 20 DC B OP1    1 
ATOM 605 O OP2    . DC B 1 8  ? 9.008   -2.064  -6.832  1.00 1.38 ? 20 DC B OP2    1 
ATOM 606 O "O5'"  . DC B 1 8  ? 7.069   -3.541  -7.371  1.00 1.39 ? 20 DC B "O5'"  1 
ATOM 607 C "C5'"  . DC B 1 8  ? 6.348   -4.770  -7.388  1.00 1.40 ? 20 DC B "C5'"  1 
ATOM 608 C "C4'"  . DC B 1 8  ? 5.074   -4.619  -8.186  1.00 1.45 ? 20 DC B "C4'"  1 
ATOM 609 O "O4'"  . DC B 1 8  ? 4.134   -3.841  -7.392  1.00 1.34 ? 20 DC B "O4'"  1 
ATOM 610 C "C3'"  . DC B 1 8  ? 5.215   -3.882  -9.517  1.00 1.57 ? 20 DC B "C3'"  1 
ATOM 611 O "O3'"  . DC B 1 8  ? 4.510   -4.566  -10.550 1.00 1.68 ? 20 DC B "O3'"  1 
ATOM 612 C "C2'"  . DC B 1 8  ? 4.612   -2.513  -9.253  1.00 1.52 ? 20 DC B "C2'"  1 
ATOM 613 C "C1'"  . DC B 1 8  ? 3.586   -2.812  -8.183  1.00 1.40 ? 20 DC B "C1'"  1 
ATOM 614 N N1     . DC B 1 8  ? 3.248   -1.676  -7.309  1.00 1.31 ? 20 DC B N1     1 
ATOM 615 C C2     . DC B 1 8  ? 1.901   -1.347  -7.118  1.00 1.29 ? 20 DC B C2     1 
ATOM 616 O O2     . DC B 1 8  ? 1.032   -2.015  -7.699  1.00 1.37 ? 20 DC B O2     1 
ATOM 617 N N3     . DC B 1 8  ? 1.583   -0.312  -6.309  1.00 1.22 ? 20 DC B N3     1 
ATOM 618 C C4     . DC B 1 8  ? 2.547   0.383   -5.703  1.00 1.17 ? 20 DC B C4     1 
ATOM 619 N N4     . DC B 1 8  ? 2.187   1.393   -4.910  1.00 1.12 ? 20 DC B N4     1 
ATOM 620 C C5     . DC B 1 8  ? 3.928   0.074   -5.884  1.00 1.18 ? 20 DC B C5     1 
ATOM 621 C C6     . DC B 1 8  ? 4.228   -0.952  -6.690  1.00 1.25 ? 20 DC B C6     1 
ATOM 622 H "H5'"  . DC B 1 8  ? 6.100   -5.065  -6.368  1.00 1.33 ? 20 DC B "H5'"  1 
ATOM 623 H "H5''" . DC B 1 8  ? 6.959   -5.550  -7.843  1.00 1.48 ? 20 DC B "H5''" 1 
ATOM 624 H "H4'"  . DC B 1 8  ? 4.716   -5.622  -8.423  1.00 1.50 ? 20 DC B "H4'"  1 
ATOM 625 H "H3'"  . DC B 1 8  ? 6.258   -3.821  -9.835  1.00 1.62 ? 20 DC B "H3'"  1 
ATOM 626 H "H2'"  . DC B 1 8  ? 5.365   -1.807  -8.915  1.00 1.49 ? 20 DC B "H2'"  1 
ATOM 627 H "H2''" . DC B 1 8  ? 4.124   -2.115  -10.142 1.00 1.62 ? 20 DC B "H2''" 1 
ATOM 628 H "H1'"  . DC B 1 8  ? 2.666   -3.199  -8.618  1.00 1.45 ? 20 DC B "H1'"  1 
ATOM 629 H H41    . DC B 1 8  ? 1.209   1.611   -4.785  1.00 1.12 ? 20 DC B H41    1 
ATOM 630 H H42    . DC B 1 8  ? 2.890   1.940   -4.435  1.00 1.10 ? 20 DC B H42    1 
ATOM 631 H H5     . DC B 1 8  ? 4.707   0.649   -5.384  1.00 1.16 ? 20 DC B H5     1 
ATOM 632 H H6     . DC B 1 8  ? 5.275   -1.207  -6.859  1.00 1.28 ? 20 DC B H6     1 
ATOM 633 P P      . DA B 1 9  ? 4.410   -3.919  -12.020 1.00 1.84 ? 21 DA B P      1 
ATOM 634 O OP1    . DA B 1 9  ? 4.280   -5.022  -13.004 1.00 1.95 ? 21 DA B OP1    1 
ATOM 635 O OP2    . DA B 1 9  ? 5.517   -2.938  -12.162 1.00 1.89 ? 21 DA B OP2    1 
ATOM 636 O "O5'"  . DA B 1 9  ? 3.036   -3.112  -11.990 1.00 1.79 ? 21 DA B "O5'"  1 
ATOM 637 C "C5'"  . DA B 1 9  ? 1.830   -3.742  -11.565 1.00 1.72 ? 21 DA B "C5'"  1 
ATOM 638 C "C4'"  . DA B 1 9  ? 0.637   -2.883  -11.915 1.00 1.74 ? 21 DA B "C4'"  1 
ATOM 639 O "O4'"  . DA B 1 9  ? 0.397   -1.964  -10.811 1.00 1.63 ? 21 DA B "O4'"  1 
ATOM 640 C "C3'"  . DA B 1 9  ? 0.794   -2.010  -13.160 1.00 1.87 ? 21 DA B "C3'"  1 
ATOM 641 O "O3'"  . DA B 1 9  ? -0.384  -2.079  -13.964 1.00 1.94 ? 21 DA B "O3'"  1 
ATOM 642 C "C2'"  . DA B 1 9  ? 1.018   -0.613  -12.608 1.00 1.85 ? 21 DA B "C2'"  1 
ATOM 643 C "C1'"  . DA B 1 9  ? 0.239   -0.656  -11.313 1.00 1.71 ? 21 DA B "C1'"  1 
ATOM 644 N N9     . DA B 1 9  ? 0.677   0.293   -10.290 1.00 1.63 ? 21 DA B N9     1 
ATOM 645 C C8     . DA B 1 9  ? 1.954   0.521   -9.839  1.00 1.61 ? 21 DA B C8     1 
ATOM 646 N N7     . DA B 1 9  ? 2.028   1.430   -8.898  1.00 1.56 ? 21 DA B N7     1 
ATOM 647 C C5     . DA B 1 9  ? 0.712   1.834   -8.722  1.00 1.54 ? 21 DA B C5     1 
ATOM 648 C C6     . DA B 1 9  ? 0.121   2.779   -7.866  1.00 1.49 ? 21 DA B C6     1 
ATOM 649 N N6     . DA B 1 9  ? 0.806   3.514   -6.989  1.00 1.45 ? 21 DA B N6     1 
ATOM 650 N N1     . DA B 1 9  ? -1.217  2.944   -7.944  1.00 1.50 ? 21 DA B N1     1 
ATOM 651 C C2     . DA B 1 9  ? -1.906  2.204   -8.823  1.00 1.55 ? 21 DA B C2     1 
ATOM 652 N N3     . DA B 1 9  ? -1.463  1.283   -9.676  1.00 1.60 ? 21 DA B N3     1 
ATOM 653 C C4     . DA B 1 9  ? -0.130  1.145   -9.575  1.00 1.58 ? 21 DA B C4     1 
ATOM 654 H "H5'"  . DA B 1 9  ? 1.856   -3.896  -10.485 1.00 1.63 ? 21 DA B "H5'"  1 
ATOM 655 H "H5''" . DA B 1 9  ? 1.725   -4.708  -12.057 1.00 1.77 ? 21 DA B "H5''" 1 
ATOM 656 H "H4'"  . DA B 1 9  ? -0.201  -3.553  -12.109 1.00 1.74 ? 21 DA B "H4'"  1 
ATOM 657 H "H3'"  . DA B 1 9  ? 1.623   -2.346  -13.786 1.00 1.94 ? 21 DA B "H3'"  1 
ATOM 658 H "H2'"  . DA B 1 9  ? 2.077   -0.416  -12.446 1.00 1.86 ? 21 DA B "H2'"  1 
ATOM 659 H "H2''" . DA B 1 9  ? 0.612   0.149   -13.274 1.00 1.93 ? 21 DA B "H2''" 1 
ATOM 660 H "H1'"  . DA B 1 9  ? -0.829  -0.508  -11.487 1.00 1.72 ? 21 DA B "H1'"  1 
ATOM 661 H H8     . DA B 1 9  ? 2.818   0.004   -10.229 1.00 1.65 ? 21 DA B H8     1 
ATOM 662 H H61    . DA B 1 9  ? 0.323   4.177   -6.399  1.00 1.43 ? 21 DA B H61    1 
ATOM 663 H H62    . DA B 1 9  ? 1.808   3.406   -6.912  1.00 1.46 ? 21 DA B H62    1 
ATOM 664 H H2     . DA B 1 9  ? -2.980  2.383   -8.843  1.00 1.57 ? 21 DA B H2     1 
ATOM 665 P P      . DG B 1 10 ? -0.560  -1.088  -15.220 1.00 2.08 ? 22 DG B P      1 
ATOM 666 O OP1    . DG B 1 10 ? -1.317  -1.830  -16.259 1.00 2.17 ? 22 DG B OP1    1 
ATOM 667 O OP2    . DG B 1 10 ? 0.760   -0.498  -15.558 1.00 2.15 ? 22 DG B OP2    1 
ATOM 668 O "O5'"  . DG B 1 10 ? -1.501  0.069   -14.659 1.00 2.06 ? 22 DG B "O5'"  1 
ATOM 669 C "C5'"  . DG B 1 10 ? -2.685  -0.242  -13.930 1.00 1.98 ? 22 DG B "C5'"  1 
ATOM 670 C "C4'"  . DG B 1 10 ? -3.547  0.990   -13.779 1.00 2.01 ? 22 DG B "C4'"  1 
ATOM 671 O "O4'"  . DG B 1 10 ? -3.089  1.730   -12.611 1.00 1.92 ? 22 DG B "O4'"  1 
ATOM 672 C "C3'"  . DG B 1 10 ? -3.496  1.973   -14.947 1.00 2.17 ? 22 DG B "C3'"  1 
ATOM 673 O "O3'"  . DG B 1 10 ? -4.808  2.431   -15.267 1.00 2.25 ? 22 DG B "O3'"  1 
ATOM 674 C "C2'"  . DG B 1 10 ? -2.609  3.098   -14.444 1.00 2.17 ? 22 DG B "C2'"  1 
ATOM 675 C "C1'"  . DG B 1 10 ? -2.889  3.082   -12.956 1.00 2.01 ? 22 DG B "C1'"  1 
ATOM 676 N N9     . DG B 1 10 ? -1.823  3.623   -12.120 1.00 1.95 ? 22 DG B N9     1 
ATOM 677 C C8     . DG B 1 10 ? -0.490  3.291   -12.154 1.00 1.93 ? 22 DG B C8     1 
ATOM 678 N N7     . DG B 1 10 ? 0.226   3.943   -11.280 1.00 1.88 ? 22 DG B N7     1 
ATOM 679 C C5     . DG B 1 10 ? -0.689  4.759   -10.629 1.00 1.86 ? 22 DG B C5     1 
ATOM 680 C C6     . DG B 1 10 ? -0.500  5.696   -9.581  1.00 1.81 ? 22 DG B C6     1 
ATOM 681 O O6     . DG B 1 10 ? 0.547   6.002   -8.999  1.00 1.79 ? 22 DG B O6     1 
ATOM 682 N N1     . DG B 1 10 ? -1.697  6.306   -9.219  1.00 1.81 ? 22 DG B N1     1 
ATOM 683 C C2     . DG B 1 10 ? -2.919  6.049   -9.793  1.00 1.86 ? 22 DG B C2     1 
ATOM 684 N N2     . DG B 1 10 ? -3.960  6.741   -9.307  1.00 1.87 ? 22 DG B N2     1 
ATOM 685 N N3     . DG B 1 10 ? -3.108  5.178   -10.770 1.00 1.90 ? 22 DG B N3     1 
ATOM 686 C C4     . DG B 1 10 ? -1.958  4.574   -11.136 1.00 1.90 ? 22 DG B C4     1 
ATOM 687 H "H5'"  . DG B 1 10 ? -2.419  -0.616  -12.940 1.00 1.87 ? 22 DG B "H5'"  1 
ATOM 688 H "H5''" . DG B 1 10 ? -3.253  -1.008  -14.456 1.00 2.02 ? 22 DG B "H5''" 1 
ATOM 689 H "H4'"  . DG B 1 10 ? -4.582  0.655   -13.701 1.00 2.01 ? 22 DG B "H4'"  1 
ATOM 690 H "H3'"  . DG B 1 10 ? -3.097  1.504   -15.850 1.00 2.25 ? 22 DG B "H3'"  1 
ATOM 691 H "H2'"  . DG B 1 10 ? -1.560  2.907   -14.669 1.00 2.18 ? 22 DG B "H2'"  1 
ATOM 692 H "H2''" . DG B 1 10 ? -2.898  4.056   -14.876 1.00 2.27 ? 22 DG B "H2''" 1 
ATOM 693 H "H1'"  . DG B 1 10 ? -3.813  3.613   -12.722 1.00 2.03 ? 22 DG B "H1'"  1 
ATOM 694 H H8     . DG B 1 10 ? -0.076  2.566   -12.838 1.00 1.97 ? 22 DG B H8     1 
ATOM 695 H H1     . DG B 1 10 ? -1.663  6.992   -8.478  1.00 1.79 ? 22 DG B H1     1 
ATOM 696 H H21    . DG B 1 10 ? -3.819  7.408   -8.561  1.00 1.84 ? 22 DG B H21    1 
ATOM 697 H H22    . DG B 1 10 ? -4.884  6.596   -9.688  1.00 1.91 ? 22 DG B H22    1 
ATOM 698 P P      . DT B 1 11 ? -5.008  3.639   -16.311 1.00 2.42 ? 23 DT B P      1 
ATOM 699 O OP1    . DT B 1 11 ? -6.298  3.432   -17.015 1.00 2.51 ? 23 DT B OP1    1 
ATOM 700 O OP2    . DT B 1 11 ? -3.756  3.776   -17.100 1.00 2.49 ? 23 DT B OP2    1 
ATOM 701 O "O5'"  . DT B 1 11 ? -5.151  4.923   -15.379 1.00 2.40 ? 23 DT B "O5'"  1 
ATOM 702 C "C5'"  . DT B 1 11 ? -6.108  4.956   -14.323 1.00 2.31 ? 23 DT B "C5'"  1 
ATOM 703 C "C4'"  . DT B 1 11 ? -6.253  6.363   -13.793 1.00 2.35 ? 23 DT B "C4'"  1 
ATOM 704 O "O4'"  . DT B 1 11 ? -5.135  6.635   -12.901 1.00 2.25 ? 23 DT B "O4'"  1 
ATOM 705 C "C3'"  . DT B 1 11 ? -6.226  7.467   -14.847 1.00 2.53 ? 23 DT B "C3'"  1 
ATOM 706 O "O3'"  . DT B 1 11 ? -7.213  8.457   -14.555 1.00 2.59 ? 23 DT B "O3'"  1 
ATOM 707 C "C2'"  . DT B 1 11 ? -4.816  8.022   -14.757 1.00 2.53 ? 23 DT B "C2'"  1 
ATOM 708 C "C1'"  . DT B 1 11 ? -4.494  7.830   -13.292 1.00 2.36 ? 23 DT B "C1'"  1 
ATOM 709 N N1     . DT B 1 11 ? -3.057  7.721   -12.973 1.00 2.30 ? 23 DT B N1     1 
ATOM 710 C C2     . DT B 1 11 ? -2.549  8.525   -11.976 1.00 2.26 ? 23 DT B C2     1 
ATOM 711 O O2     . DT B 1 11 ? -3.230  9.317   -11.344 1.00 2.26 ? 23 DT B O2     1 
ATOM 712 N N3     . DT B 1 11 ? -1.207  8.369   -11.743 1.00 2.22 ? 23 DT B N3     1 
ATOM 713 C C4     . DT B 1 11 ? -0.343  7.512   -12.390 1.00 2.23 ? 23 DT B C4     1 
ATOM 714 O O4     . DT B 1 11 ? 0.842   7.483   -12.070 1.00 2.20 ? 23 DT B O4     1 
ATOM 715 C C5     . DT B 1 11 ? -0.941  6.697   -13.424 1.00 2.27 ? 23 DT B C5     1 
ATOM 716 C C7     . DT B 1 11 ? -0.073  5.746   -14.187 1.00 2.29 ? 23 DT B C7     1 
ATOM 717 C C6     . DT B 1 11 ? -2.252  6.837   -13.664 1.00 2.30 ? 23 DT B C6     1 
ATOM 718 H "H5'"  . DT B 1 11 ? -5.787  4.300   -13.515 1.00 2.19 ? 23 DT B "H5'"  1 
ATOM 719 H "H5''" . DT B 1 11 ? -7.075  4.617   -14.692 1.00 2.36 ? 23 DT B "H5''" 1 
ATOM 720 H "H4'"  . DT B 1 11 ? -7.225  6.428   -13.301 1.00 2.33 ? 23 DT B "H4'"  1 
ATOM 721 H "H3'"  . DT B 1 11 ? -6.454  7.078   -15.842 1.00 2.61 ? 23 DT B "H3'"  1 
ATOM 722 H "H2'"  . DT B 1 11 ? -4.133  7.474   -15.401 1.00 2.54 ? 23 DT B "H2'"  1 
ATOM 723 H "H2''" . DT B 1 11 ? -4.786  9.077   -15.023 1.00 2.63 ? 23 DT B "H2''" 1 
ATOM 724 H "H1'"  . DT B 1 11 ? -4.919  8.633   -12.690 1.00 2.37 ? 23 DT B "H1'"  1 
ATOM 725 H H3     . DT B 1 11 ? -0.807  8.949   -11.019 1.00 2.20 ? 23 DT B H3     1 
ATOM 726 H H71    . DT B 1 11 ? 0.677   5.321   -13.520 1.00 2.69 ? 23 DT B H71    1 
ATOM 727 H H72    . DT B 1 11 ? 0.423   6.278   -14.999 1.00 2.30 ? 23 DT B H72    1 
ATOM 728 H H73    . DT B 1 11 ? -0.686  4.946   -14.600 1.00 2.49 ? 23 DT B H73    1 
ATOM 729 H H6     . DT B 1 11 ? -2.706  6.222   -14.440 1.00 2.35 ? 23 DT B H6     1 
ATOM 730 P P      . DC B 1 12 ? -7.183  9.874   -15.317 1.00 2.77 ? 24 DC B P      1 
ATOM 731 O OP1    . DC B 1 12 ? -8.585  10.356  -15.401 1.00 2.85 ? 24 DC B OP1    1 
ATOM 732 O OP2    . DC B 1 12 ? -6.380  9.740   -16.559 1.00 2.87 ? 24 DC B OP2    1 
ATOM 733 O "O5'"  . DC B 1 12 ? -6.397  10.827  -14.309 1.00 2.72 ? 24 DC B "O5'"  1 
ATOM 734 C "C5'"  . DC B 1 12 ? -6.861  11.015  -12.973 1.00 2.62 ? 24 DC B "C5'"  1 
ATOM 735 C "C4'"  . DC B 1 12 ? -6.126  12.161  -12.318 1.00 2.63 ? 24 DC B "C4'"  1 
ATOM 736 O "O4'"  . DC B 1 12 ? -4.762  11.728  -12.053 1.00 2.55 ? 24 DC B "O4'"  1 
ATOM 737 C "C3'"  . DC B 1 12 ? -6.014  13.436  -13.153 1.00 2.82 ? 24 DC B "C3'"  1 
ATOM 738 O "O3'"  . DC B 1 12 ? -6.315  14.601  -12.374 1.00 2.86 ? 24 DC B "O3'"  1 
ATOM 739 C "C2'"  . DC B 1 12 ? -4.567  13.465  -13.612 1.00 2.85 ? 24 DC B "C2'"  1 
ATOM 740 C "C1'"  . DC B 1 12 ? -3.856  12.708  -12.505 1.00 2.67 ? 24 DC B "C1'"  1 
ATOM 741 N N1     . DC B 1 12 ? -2.599  12.039  -12.885 1.00 2.64 ? 24 DC B N1     1 
ATOM 742 C C2     . DC B 1 12 ? -1.425  12.386  -12.208 1.00 2.60 ? 24 DC B C2     1 
ATOM 743 O O2     . DC B 1 12 ? -1.478  13.243  -11.314 1.00 2.60 ? 24 DC B O2     1 
ATOM 744 N N3     . DC B 1 12 ? -0.264  11.777  -12.543 1.00 2.59 ? 24 DC B N3     1 
ATOM 745 C C4     . DC B 1 12 ? -0.247  10.859  -13.511 1.00 2.60 ? 24 DC B C4     1 
ATOM 746 N N4     . DC B 1 12 ? 0.921   10.283  -13.807 1.00 2.60 ? 24 DC B N4     1 
ATOM 747 C C5     . DC B 1 12 ? -1.427  10.486  -14.218 1.00 2.64 ? 24 DC B C5     1 
ATOM 748 C C6     . DC B 1 12 ? -2.570  11.095  -13.876 1.00 2.65 ? 24 DC B C6     1 
ATOM 749 H "H5'"  . DC B 1 12 ? -6.694  10.105  -12.395 1.00 2.48 ? 24 DC B "H5'"  1 
ATOM 750 H "H5''" . DC B 1 12 ? -7.927  11.239  -12.981 1.00 2.66 ? 24 DC B "H5''" 1 
ATOM 751 H "H4'"  . DC B 1 12 ? -6.678  12.428  -11.416 1.00 2.58 ? 24 DC B "H4'"  1 
ATOM 752 H "H3'"  . DC B 1 12 ? -6.713  13.431  -13.992 1.00 2.92 ? 24 DC B "H3'"  1 
ATOM 753 H "HO3'" . DC B 1 12 ? -7.266  14.732  -12.414 1.00 2.90 ? 24 DC B "HO3'" 1 
ATOM 754 H "H2'"  . DC B 1 12 ? -4.448  12.987  -14.582 1.00 2.90 ? 24 DC B "H2'"  1 
ATOM 755 H "H2''" . DC B 1 12 ? -4.191  14.487  -13.669 1.00 2.95 ? 24 DC B "H2''" 1 
ATOM 756 H "H1'"  . DC B 1 12 ? -3.650  13.362  -11.655 1.00 2.65 ? 24 DC B "H1'"  1 
ATOM 757 H H41    . DC B 1 12 ? 1.756   10.547  -13.305 1.00 2.58 ? 24 DC B H41    1 
ATOM 758 H H42    . DC B 1 12 ? 0.967   9.584   -14.534 1.00 2.61 ? 24 DC B H42    1 
ATOM 759 H H5     . DC B 1 12 ? -1.400  9.737   -15.009 1.00 2.66 ? 24 DC B H5     1 
ATOM 760 H H6     . DC B 1 12 ? -3.489  10.824  -14.390 1.00 2.69 ? 24 DC B H6     1 
# 
